data_5YQB
#
_entry.id   5YQB
#
_cell.length_a   120.292
_cell.length_b   120.292
_cell.length_c   170.123
_cell.angle_alpha   90.00
_cell.angle_beta   90.00
_cell.angle_gamma   120.00
#
_symmetry.space_group_name_H-M   'P 31 2 1'
#
loop_
_entity.id
_entity.type
_entity.pdbx_description
1 polymer 'Aminopeptidase N'
2 non-polymer 'ZINC ION'
3 non-polymer O-methyl-L-tyrosine
4 non-polymer (2R,3R,4S,5S)-4-AMINO-2-[6-(DIMETHYLAMINO)-9H-PURIN-9-YL]-5-(HYDROXYMETHYL)TETRAHYDRO-3-FURANOL
5 non-polymer GLYCEROL
6 water water
#
_entity_poly.entity_id   1
_entity_poly.type   'polypeptide(L)'
_entity_poly.pdbx_seq_one_letter_code
;MGSSHHHHHHSSGLVPRGSHMMTQQPQAKYRHDYRAPDYQITDIDLTFDLDAQKTVVTAVSQAVRHGASDAPLRLNGEDL
KLVSVHINDEPWTAWKEEEGALVISNLPERFTLKIINEISPAANTALEGLYQSGDALCTQCEAEGFRHITYYLDRPDVLA
RFTTKIIADKIKYPFLLSNGNRVAQGELENGRHWVQWQDPFPKPCYLFALVAGDFDVLRDTFTTRSGREVALELYVDRGN
LDRAPWAMTSLKNSMKWDEERFGLEYDLDIYMIVAVDFFNMGAMENKGLNIFNSKYVLARTDTATDKDYLDIERVIGHEY
FHNWTGNRVTCRDWFQLSLKEGLTVFRDQEFSSDLGSRAVNRINNVRTMRGLQFAEDASPMAHPIRPDMVIEMNNFYTLT
VYEKGAEVIRMIHTLLGEENFQKGMQLYFERHDGSAATCDDFVQAMEDASNVDLSHFRRWYSQSGTPIVTVKDDYNPETE
QYTLTISQRTPATPDQAEKQPLHIPFAIELYDNEGKVIPLQKGGHPVNSVLNVTQAEQTFVFDNVYFQPVPALLCEFSAP
VKLEYKWSDQQLTFLMRHARNDFSRWDAAQSLLATYIKLNVARHQQGQPLSLPVHVADAFRAVLLDEKIDPALAAEILTL
PSVNEMAELFDIIDPIAIAEVREALTRTLATELADELLAIYNANYQSEYRVEHEDIAKRTLRNACLRFLAFGETHLADVL
VSKQFHEANNMTDALAALSAAVAAQLPCRDALMQEYDDKWHQNGLVMDKWFILQATSPAANVLETVRGLLQHRSFTMSNP
NRIRSLIGAFAGSNPAAFHAEDGSGYLFLVEMLTDLNSRNPQVASRLIEPLIRLKRYDAKRQEKMRAALEQLKGLENLSG
DLYEKITKALA
;
_entity_poly.pdbx_strand_id   A
#
loop_
_chem_comp.id
_chem_comp.type
_chem_comp.name
_chem_comp.formula
GMC non-polymer (2R,3R,4S,5S)-4-AMINO-2-[6-(DIMETHYLAMINO)-9H-PURIN-9-YL]-5-(HYDROXYMETHYL)TETRAHYDRO-3-FURANOL 'C12 H18 N6 O3'
GOL non-polymer GLYCEROL 'C3 H8 O3'
ZN non-polymer 'ZINC ION' 'Zn 2'
#
# COMPACT_ATOMS: atom_id res chain seq x y z
N PRO A 26 -0.12 -16.33 22.78
CA PRO A 26 -0.48 -15.97 21.37
C PRO A 26 -0.12 -17.16 20.32
N GLN A 27 -1.00 -18.04 19.96
CA GLN A 27 -0.65 -19.24 19.26
C GLN A 27 -0.71 -18.99 17.71
N ALA A 28 0.27 -19.44 17.00
CA ALA A 28 0.22 -19.38 15.52
C ALA A 28 -0.90 -20.20 14.92
N LYS A 29 -1.52 -19.74 13.82
CA LYS A 29 -2.42 -20.43 13.02
C LYS A 29 -1.87 -20.73 11.64
N TYR A 30 -2.24 -21.85 11.06
CA TYR A 30 -1.62 -22.34 9.87
C TYR A 30 -2.59 -22.58 8.78
N ARG A 31 -2.21 -22.22 7.55
CA ARG A 31 -3.04 -22.35 6.37
C ARG A 31 -3.49 -23.80 6.15
N HIS A 32 -2.57 -24.73 6.42
CA HIS A 32 -2.90 -26.11 6.20
C HIS A 32 -3.94 -26.70 7.15
N ASP A 33 -4.20 -25.95 8.20
CA ASP A 33 -5.22 -26.35 9.26
C ASP A 33 -6.57 -25.86 8.84
N TYR A 34 -6.80 -25.26 7.68
CA TYR A 34 -8.18 -24.86 7.31
C TYR A 34 -9.10 -26.05 7.27
N ARG A 35 -10.28 -25.87 7.89
CA ARG A 35 -11.39 -26.77 7.73
C ARG A 35 -12.72 -26.02 7.62
N ALA A 36 -13.60 -26.59 6.84
CA ALA A 36 -14.94 -26.00 6.69
C ALA A 36 -15.61 -25.87 8.05
N PRO A 37 -16.43 -24.80 8.20
CA PRO A 37 -17.03 -24.50 9.50
C PRO A 37 -18.12 -25.56 9.84
N ASP A 38 -18.14 -25.90 11.13
CA ASP A 38 -19.20 -26.82 11.63
C ASP A 38 -20.58 -26.21 11.56
N TYR A 39 -20.67 -24.89 11.61
CA TYR A 39 -21.94 -24.17 11.52
C TYR A 39 -21.82 -23.03 10.56
N GLN A 40 -22.87 -22.75 9.82
CA GLN A 40 -23.03 -21.53 9.04
C GLN A 40 -24.05 -20.66 9.68
N ILE A 41 -23.97 -19.34 9.48
CA ILE A 41 -25.01 -18.39 9.77
C ILE A 41 -25.47 -17.83 8.47
N THR A 42 -26.75 -17.90 8.18
CA THR A 42 -27.30 -17.48 6.89
C THR A 42 -27.83 -16.09 6.91
N ASP A 43 -28.28 -15.60 8.04
CA ASP A 43 -29.00 -14.35 8.19
C ASP A 43 -28.71 -13.85 9.58
N ILE A 44 -28.47 -12.58 9.77
CA ILE A 44 -28.27 -11.92 11.06
C ILE A 44 -28.99 -10.59 11.08
N ASP A 45 -29.77 -10.40 12.14
CA ASP A 45 -30.49 -9.16 12.40
CA ASP A 45 -30.44 -9.15 12.39
C ASP A 45 -29.83 -8.52 13.62
N LEU A 46 -29.25 -7.37 13.47
CA LEU A 46 -28.52 -6.71 14.55
C LEU A 46 -29.33 -5.54 14.99
N THR A 47 -29.35 -5.26 16.29
CA THR A 47 -29.84 -3.98 16.80
C THR A 47 -28.77 -3.36 17.69
N PHE A 48 -28.47 -2.10 17.48
CA PHE A 48 -27.55 -1.32 18.27
C PHE A 48 -28.26 -0.28 19.05
N ASP A 49 -28.20 -0.29 20.41
CA ASP A 49 -28.67 0.82 21.21
C ASP A 49 -27.42 1.63 21.48
N LEU A 50 -27.12 2.60 20.65
CA LEU A 50 -25.84 3.24 20.60
C LEU A 50 -25.63 4.25 21.64
N ASP A 51 -24.46 4.24 22.27
CA ASP A 51 -24.03 5.24 23.21
C ASP A 51 -22.51 5.08 23.32
N ALA A 52 -21.77 6.20 23.42
CA ALA A 52 -20.32 6.11 23.40
C ALA A 52 -19.81 5.37 24.63
N GLN A 53 -20.42 5.48 25.83
CA GLN A 53 -19.94 4.77 26.96
C GLN A 53 -20.40 3.37 27.06
N LYS A 54 -21.66 3.05 26.65
CA LYS A 54 -22.21 1.74 26.72
C LYS A 54 -23.20 1.54 25.60
N THR A 55 -22.80 0.71 24.64
CA THR A 55 -23.66 0.31 23.58
C THR A 55 -24.13 -1.10 23.79
N VAL A 56 -25.44 -1.35 23.62
CA VAL A 56 -26.00 -2.65 23.77
C VAL A 56 -26.28 -3.23 22.40
N VAL A 57 -25.77 -4.40 22.12
CA VAL A 57 -25.92 -5.08 20.83
C VAL A 57 -26.83 -6.28 21.01
N THR A 58 -27.89 -6.43 20.20
CA THR A 58 -28.73 -7.60 20.14
C THR A 58 -28.48 -8.21 18.81
N ALA A 59 -28.18 -9.45 18.71
CA ALA A 59 -27.87 -10.12 17.46
C ALA A 59 -28.69 -11.37 17.35
N VAL A 60 -29.52 -11.48 16.32
CA VAL A 60 -30.40 -12.60 16.12
C VAL A 60 -29.89 -13.26 14.86
N SER A 61 -29.33 -14.45 14.95
CA SER A 61 -28.71 -15.17 13.87
C SER A 61 -29.46 -16.42 13.50
N GLN A 62 -29.63 -16.73 12.22
CA GLN A 62 -30.19 -18.00 11.79
C GLN A 62 -29.10 -18.91 11.42
N ALA A 63 -28.93 -20.00 12.16
CA ALA A 63 -27.82 -20.96 12.03
C ALA A 63 -28.15 -22.28 11.53
N VAL A 64 -27.22 -22.92 10.84
CA VAL A 64 -27.40 -24.22 10.21
C VAL A 64 -26.16 -25.04 10.52
N ARG A 65 -26.33 -26.24 11.09
CA ARG A 65 -25.19 -27.14 11.34
C ARG A 65 -24.84 -27.87 10.07
N HIS A 66 -23.54 -27.87 9.71
CA HIS A 66 -22.98 -28.63 8.60
C HIS A 66 -22.10 -29.74 9.12
N GLY A 67 -21.53 -29.64 10.28
CA GLY A 67 -20.62 -30.63 10.79
C GLY A 67 -21.35 -31.69 11.59
N ALA A 68 -20.60 -32.32 12.47
CA ALA A 68 -21.09 -33.44 13.18
C ALA A 68 -22.14 -33.06 14.16
N SER A 69 -23.12 -33.96 14.35
CA SER A 69 -24.24 -33.63 15.14
C SER A 69 -23.93 -33.28 16.59
N ASP A 70 -22.80 -33.71 17.17
CA ASP A 70 -22.36 -33.44 18.51
C ASP A 70 -21.40 -32.19 18.59
N ALA A 71 -21.18 -31.52 17.49
CA ALA A 71 -20.17 -30.47 17.55
C ALA A 71 -20.82 -29.20 18.20
N PRO A 72 -20.04 -28.56 19.08
CA PRO A 72 -20.59 -27.31 19.63
C PRO A 72 -20.39 -26.21 18.62
N LEU A 73 -21.18 -25.17 18.83
CA LEU A 73 -20.99 -23.89 18.06
C LEU A 73 -19.97 -23.11 18.79
N ARG A 74 -18.86 -22.69 18.12
CA ARG A 74 -17.78 -21.96 18.74
C ARG A 74 -17.74 -20.52 18.21
N LEU A 75 -18.17 -19.57 18.99
CA LEU A 75 -18.31 -18.17 18.51
C LEU A 75 -17.10 -17.44 18.99
N ASN A 76 -16.53 -16.56 18.19
CA ASN A 76 -15.44 -15.73 18.60
C ASN A 76 -15.95 -14.44 19.24
N GLY A 77 -15.31 -13.91 20.30
CA GLY A 77 -15.64 -12.62 20.94
C GLY A 77 -14.52 -12.11 21.70
N GLU A 78 -14.36 -10.81 21.67
CA GLU A 78 -13.33 -10.11 22.44
C GLU A 78 -13.90 -8.92 23.13
N ASP A 79 -13.58 -8.82 24.44
CA ASP A 79 -13.95 -7.67 25.30
C ASP A 79 -15.46 -7.36 25.19
N LEU A 80 -16.28 -8.41 25.29
CA LEU A 80 -17.73 -8.30 25.29
C LEU A 80 -18.26 -8.58 26.71
N LYS A 81 -19.26 -7.86 27.12
CA LYS A 81 -19.98 -8.16 28.39
C LYS A 81 -21.24 -8.90 27.97
N LEU A 82 -21.30 -10.21 28.17
CA LEU A 82 -22.44 -11.05 27.78
C LEU A 82 -23.63 -10.80 28.69
N VAL A 83 -24.77 -10.45 28.18
CA VAL A 83 -26.04 -10.30 28.89
C VAL A 83 -26.88 -11.52 28.84
N SER A 84 -27.09 -12.06 27.66
CA SER A 84 -27.89 -13.27 27.54
C SER A 84 -27.72 -14.05 26.33
N VAL A 85 -28.08 -15.31 26.36
CA VAL A 85 -27.97 -16.26 25.29
C VAL A 85 -29.25 -16.98 25.18
N HIS A 86 -29.97 -16.92 24.03
CA HIS A 86 -31.16 -17.71 23.82
C HIS A 86 -31.05 -18.51 22.55
N ILE A 87 -31.70 -19.66 22.47
CA ILE A 87 -31.76 -20.54 21.34
C ILE A 87 -33.21 -20.79 21.06
N ASN A 88 -33.73 -20.36 19.93
CA ASN A 88 -35.22 -20.32 19.69
C ASN A 88 -36.02 -19.72 20.83
N ASP A 89 -35.55 -18.61 21.33
CA ASP A 89 -36.16 -17.85 22.42
C ASP A 89 -36.16 -18.60 23.78
N GLU A 90 -35.45 -19.71 23.88
CA GLU A 90 -35.24 -20.38 25.20
C GLU A 90 -33.92 -19.90 25.79
N PRO A 91 -33.92 -19.33 27.00
CA PRO A 91 -32.70 -19.02 27.66
C PRO A 91 -31.82 -20.24 27.81
N TRP A 92 -30.61 -20.16 27.33
CA TRP A 92 -29.79 -21.35 27.18
C TRP A 92 -28.90 -21.55 28.35
N THR A 93 -28.72 -22.82 28.77
CA THR A 93 -27.83 -23.19 29.88
C THR A 93 -26.59 -23.93 29.49
N ALA A 94 -26.59 -24.52 28.27
CA ALA A 94 -25.50 -25.33 27.80
C ALA A 94 -24.48 -24.47 27.00
N TRP A 95 -23.79 -23.63 27.73
CA TRP A 95 -22.75 -22.75 27.11
C TRP A 95 -21.70 -22.46 28.09
N LYS A 96 -20.50 -22.14 27.61
CA LYS A 96 -19.49 -21.60 28.44
C LYS A 96 -18.63 -20.57 27.78
N GLU A 97 -18.21 -19.52 28.45
CA GLU A 97 -17.23 -18.59 27.93
C GLU A 97 -15.83 -19.12 28.20
N GLU A 98 -14.95 -19.02 27.23
CA GLU A 98 -13.53 -19.25 27.46
C GLU A 98 -12.72 -18.14 26.75
N GLU A 99 -11.38 -18.21 26.76
CA GLU A 99 -10.62 -17.10 26.28
C GLU A 99 -10.97 -16.89 24.78
N GLY A 100 -11.43 -15.66 24.47
CA GLY A 100 -11.75 -15.37 23.06
C GLY A 100 -12.98 -15.99 22.49
N ALA A 101 -13.81 -16.64 23.30
CA ALA A 101 -14.84 -17.51 22.73
C ALA A 101 -16.06 -17.70 23.59
N LEU A 102 -17.17 -17.98 22.94
CA LEU A 102 -18.40 -18.48 23.62
C LEU A 102 -18.71 -19.76 22.92
N VAL A 103 -18.79 -20.91 23.68
CA VAL A 103 -18.92 -22.27 23.13
C VAL A 103 -20.28 -22.78 23.59
N ILE A 104 -21.11 -23.01 22.61
CA ILE A 104 -22.54 -23.35 22.84
C ILE A 104 -22.74 -24.79 22.43
N SER A 105 -23.27 -25.61 23.35
CA SER A 105 -23.45 -27.03 23.17
C SER A 105 -24.91 -27.44 22.98
N ASN A 106 -25.07 -28.65 22.44
CA ASN A 106 -26.34 -29.37 22.45
C ASN A 106 -27.44 -28.70 21.64
N LEU A 107 -27.04 -28.32 20.40
CA LEU A 107 -27.92 -27.59 19.53
C LEU A 107 -28.69 -28.40 18.54
N PRO A 108 -29.85 -27.85 18.11
CA PRO A 108 -30.53 -28.44 17.02
C PRO A 108 -29.77 -28.23 15.69
N GLU A 109 -30.16 -28.90 14.63
CA GLU A 109 -29.51 -28.75 13.32
C GLU A 109 -29.74 -27.40 12.76
N ARG A 110 -30.87 -26.75 12.99
CA ARG A 110 -31.23 -25.44 12.47
C ARG A 110 -31.85 -24.67 13.66
N PHE A 111 -31.47 -23.43 13.92
CA PHE A 111 -31.98 -22.71 15.05
C PHE A 111 -31.76 -21.23 15.00
N THR A 112 -32.45 -20.45 15.81
CA THR A 112 -32.22 -19.05 15.93
C THR A 112 -31.43 -18.77 17.17
N LEU A 113 -30.27 -18.14 17.05
CA LEU A 113 -29.41 -17.78 18.14
C LEU A 113 -29.67 -16.34 18.48
N LYS A 114 -29.88 -15.96 19.71
CA LYS A 114 -30.03 -14.56 20.10
C LYS A 114 -28.99 -14.29 21.16
N ILE A 115 -28.08 -13.30 20.94
CA ILE A 115 -27.07 -12.86 21.89
C ILE A 115 -27.36 -11.43 22.20
N ILE A 116 -27.32 -11.00 23.47
CA ILE A 116 -27.30 -9.63 23.87
C ILE A 116 -25.99 -9.43 24.58
N ASN A 117 -25.26 -8.37 24.26
CA ASN A 117 -24.01 -8.07 24.90
C ASN A 117 -23.72 -6.59 24.89
N GLU A 118 -22.82 -6.14 25.73
CA GLU A 118 -22.48 -4.74 25.82
C GLU A 118 -20.99 -4.54 25.45
N ILE A 119 -20.76 -3.36 24.86
CA ILE A 119 -19.44 -2.87 24.42
C ILE A 119 -19.31 -1.38 24.74
N SER A 120 -18.05 -0.89 24.72
CA SER A 120 -17.80 0.49 25.17
C SER A 120 -16.97 1.25 24.13
N PRO A 121 -17.57 1.94 23.19
CA PRO A 121 -16.82 2.59 22.15
C PRO A 121 -15.78 3.57 22.61
N ALA A 122 -16.15 4.36 23.58
CA ALA A 122 -15.21 5.39 24.18
C ALA A 122 -13.95 4.80 24.72
N ALA A 123 -13.93 3.59 25.16
CA ALA A 123 -12.74 2.89 25.68
C ALA A 123 -11.85 2.36 24.61
N ASN A 124 -12.29 2.35 23.36
CA ASN A 124 -11.60 1.65 22.26
C ASN A 124 -10.57 2.49 21.65
N THR A 125 -9.34 2.46 22.19
CA THR A 125 -8.23 3.21 21.62
C THR A 125 -7.54 2.50 20.49
N ALA A 126 -7.79 1.20 20.37
CA ALA A 126 -7.19 0.42 19.32
C ALA A 126 -7.78 0.63 17.96
N LEU A 127 -8.98 1.20 17.95
CA LEU A 127 -9.68 1.52 16.69
C LEU A 127 -10.05 0.27 15.90
N GLU A 128 -10.49 -0.79 16.58
CA GLU A 128 -10.77 -2.12 16.06
C GLU A 128 -12.15 -2.40 16.64
N GLY A 129 -13.17 -2.71 15.82
CA GLY A 129 -14.48 -2.85 16.30
C GLY A 129 -15.28 -1.59 16.16
N LEU A 130 -16.17 -1.33 17.13
CA LEU A 130 -16.89 -0.04 17.16
C LEU A 130 -16.19 0.97 18.04
N TYR A 131 -15.83 2.13 17.53
CA TYR A 131 -15.03 3.05 18.21
C TYR A 131 -15.49 4.49 17.98
N GLN A 132 -14.88 5.45 18.59
CA GLN A 132 -15.19 6.87 18.46
C GLN A 132 -14.12 7.52 17.58
N SER A 133 -14.52 8.31 16.63
CA SER A 133 -13.68 9.13 15.81
C SER A 133 -14.16 10.58 15.98
N GLY A 134 -13.49 11.37 16.85
CA GLY A 134 -14.06 12.70 17.16
C GLY A 134 -15.39 12.47 17.91
N ASP A 135 -16.45 13.10 17.33
CA ASP A 135 -17.77 12.93 17.90
C ASP A 135 -18.55 11.83 17.20
N ALA A 136 -18.02 11.27 16.14
CA ALA A 136 -18.73 10.18 15.42
C ALA A 136 -18.43 8.80 15.98
N LEU A 137 -19.33 7.88 15.80
CA LEU A 137 -19.12 6.45 16.05
C LEU A 137 -18.99 5.75 14.74
N CYS A 138 -17.99 4.88 14.61
CA CYS A 138 -17.77 4.16 13.38
C CYS A 138 -17.12 2.81 13.65
N THR A 139 -17.11 1.96 12.67
CA THR A 139 -16.53 0.62 12.85
C THR A 139 -15.36 0.39 11.93
N GLN A 140 -14.49 -0.55 12.40
CA GLN A 140 -13.52 -1.22 11.50
C GLN A 140 -13.56 -2.69 11.83
N CYS A 141 -13.92 -3.53 10.88
CA CYS A 141 -14.11 -4.93 11.17
C CYS A 141 -13.06 -5.83 10.53
N GLU A 142 -12.40 -5.42 9.45
CA GLU A 142 -11.34 -6.25 8.86
C GLU A 142 -10.12 -6.12 9.72
N ALA A 143 -9.33 -7.23 10.01
CA ALA A 143 -9.73 -8.60 9.70
C ALA A 143 -10.71 -9.25 10.66
N GLU A 144 -10.48 -9.04 11.96
CA GLU A 144 -11.24 -9.80 12.99
C GLU A 144 -11.79 -8.87 14.01
N GLY A 145 -12.39 -7.74 13.59
CA GLY A 145 -12.95 -6.74 14.45
C GLY A 145 -14.44 -6.96 14.80
N PHE A 146 -15.15 -7.73 13.98
CA PHE A 146 -16.59 -7.90 14.28
C PHE A 146 -16.74 -8.62 15.64
N ARG A 147 -15.80 -9.52 15.99
CA ARG A 147 -15.88 -10.24 17.26
C ARG A 147 -15.74 -9.28 18.43
N HIS A 148 -15.24 -8.05 18.22
CA HIS A 148 -15.26 -7.02 19.23
C HIS A 148 -16.64 -6.34 19.42
N ILE A 149 -17.58 -6.66 18.58
CA ILE A 149 -18.93 -6.12 18.61
C ILE A 149 -19.94 -7.13 19.13
N THR A 150 -19.85 -8.35 18.71
CA THR A 150 -20.76 -9.41 19.25
C THR A 150 -20.09 -10.76 19.09
N TYR A 151 -20.59 -11.80 19.74
CA TYR A 151 -20.09 -13.13 19.54
C TYR A 151 -20.54 -13.70 18.22
N TYR A 152 -19.59 -14.12 17.36
CA TYR A 152 -19.96 -14.47 16.05
C TYR A 152 -18.97 -15.46 15.40
N LEU A 153 -19.37 -15.98 14.23
CA LEU A 153 -18.49 -16.77 13.41
C LEU A 153 -17.63 -15.77 12.60
N ASP A 154 -16.61 -15.26 13.26
CA ASP A 154 -15.76 -14.18 12.66
C ASP A 154 -14.67 -14.75 11.76
N ARG A 155 -15.14 -15.30 10.65
CA ARG A 155 -14.34 -15.96 9.64
C ARG A 155 -14.97 -15.71 8.31
N PRO A 156 -14.14 -15.47 7.25
CA PRO A 156 -14.73 -14.90 6.03
C PRO A 156 -15.43 -15.86 5.09
N ASP A 157 -15.40 -17.17 5.44
CA ASP A 157 -16.15 -18.19 4.71
C ASP A 157 -17.58 -18.39 5.27
N VAL A 158 -17.98 -17.58 6.28
CA VAL A 158 -19.35 -17.59 6.80
C VAL A 158 -19.98 -16.31 6.18
N LEU A 159 -20.93 -16.48 5.30
CA LEU A 159 -21.54 -15.41 4.55
C LEU A 159 -23.05 -15.30 4.94
N ALA A 160 -23.44 -14.17 5.48
CA ALA A 160 -24.79 -14.01 6.02
C ALA A 160 -25.44 -12.76 5.43
N ARG A 161 -26.76 -12.77 5.36
CA ARG A 161 -27.53 -11.58 5.01
C ARG A 161 -27.81 -10.74 6.18
N PHE A 162 -27.38 -9.50 6.21
CA PHE A 162 -27.49 -8.62 7.34
C PHE A 162 -28.66 -7.67 7.29
N THR A 163 -29.32 -7.42 8.40
CA THR A 163 -30.19 -6.33 8.61
C THR A 163 -29.73 -5.65 9.87
N THR A 164 -29.60 -4.32 9.94
CA THR A 164 -29.06 -3.60 11.01
C THR A 164 -29.95 -2.48 11.41
N LYS A 165 -30.41 -2.50 12.67
CA LYS A 165 -31.18 -1.41 13.22
C LYS A 165 -30.33 -0.65 14.22
N ILE A 166 -30.33 0.64 14.09
CA ILE A 166 -29.45 1.55 14.85
C ILE A 166 -30.34 2.53 15.58
N ILE A 167 -30.26 2.59 16.94
CA ILE A 167 -31.03 3.46 17.77
C ILE A 167 -30.08 4.38 18.44
N ALA A 168 -30.31 5.70 18.41
CA ALA A 168 -29.41 6.66 19.01
C ALA A 168 -30.09 7.99 19.31
N ASP A 169 -29.35 8.83 20.05
CA ASP A 169 -29.75 10.27 20.27
C ASP A 169 -29.72 10.99 18.97
N LYS A 170 -30.89 11.61 18.66
CA LYS A 170 -31.03 12.26 17.37
C LYS A 170 -30.17 13.49 17.21
N ILE A 171 -30.00 14.29 18.28
CA ILE A 171 -29.14 15.48 18.21
C ILE A 171 -27.69 15.10 17.97
N LYS A 172 -27.18 14.18 18.78
CA LYS A 172 -25.82 13.76 18.61
C LYS A 172 -25.53 12.97 17.31
N TYR A 173 -26.48 12.16 16.93
CA TYR A 173 -26.30 11.21 15.83
C TYR A 173 -27.43 11.27 14.80
N PRO A 174 -27.49 12.38 14.11
CA PRO A 174 -28.62 12.48 13.16
C PRO A 174 -28.55 11.59 11.95
N PHE A 175 -27.33 11.15 11.62
CA PHE A 175 -27.11 10.19 10.57
C PHE A 175 -26.73 8.85 11.14
N LEU A 176 -27.50 7.81 10.81
CA LEU A 176 -27.33 6.43 11.26
C LEU A 176 -27.21 5.58 10.04
N LEU A 177 -26.00 5.09 9.74
CA LEU A 177 -25.70 4.46 8.46
C LEU A 177 -25.23 3.01 8.70
N SER A 178 -25.69 2.13 7.87
CA SER A 178 -25.11 0.78 7.74
C SER A 178 -25.17 0.28 6.27
N ASN A 179 -24.67 -0.91 5.98
CA ASN A 179 -24.63 -1.34 4.62
C ASN A 179 -26.05 -1.49 3.99
N GLY A 180 -26.14 -1.18 2.70
CA GLY A 180 -27.36 -1.46 1.93
C GLY A 180 -28.26 -0.25 1.78
N ASN A 181 -29.58 -0.57 1.96
CA ASN A 181 -30.66 0.44 1.79
C ASN A 181 -31.45 0.58 3.09
N ARG A 182 -32.08 1.70 3.28
CA ARG A 182 -32.93 1.88 4.44
C ARG A 182 -34.27 1.19 4.23
N VAL A 183 -34.74 0.37 5.11
CA VAL A 183 -35.93 -0.43 5.04
C VAL A 183 -36.97 0.11 6.11
N ALA A 184 -36.52 0.75 7.15
CA ALA A 184 -37.44 1.17 8.23
C ALA A 184 -36.80 2.30 8.96
N GLN A 185 -37.60 3.17 9.61
CA GLN A 185 -37.12 4.26 10.36
C GLN A 185 -38.16 4.68 11.36
N GLY A 186 -37.77 5.24 12.51
CA GLY A 186 -38.75 5.66 13.49
C GLY A 186 -38.15 6.60 14.48
N GLU A 187 -39.02 7.25 15.25
CA GLU A 187 -38.63 8.13 16.35
C GLU A 187 -39.21 7.55 17.64
N LEU A 188 -38.48 7.80 18.73
CA LEU A 188 -38.80 7.27 20.04
C LEU A 188 -38.87 8.46 21.02
N GLU A 189 -39.24 8.11 22.24
CA GLU A 189 -39.21 9.13 23.28
C GLU A 189 -37.75 9.48 23.70
N ASN A 190 -37.65 10.61 24.44
CA ASN A 190 -36.42 11.08 25.04
C ASN A 190 -35.39 11.37 23.94
N GLY A 191 -35.85 11.80 22.81
CA GLY A 191 -34.98 12.38 21.79
C GLY A 191 -34.18 11.32 20.97
N ARG A 192 -34.63 10.10 21.01
CA ARG A 192 -33.93 9.01 20.30
C ARG A 192 -34.66 8.77 18.99
N HIS A 193 -33.93 8.23 18.02
CA HIS A 193 -34.52 7.83 16.76
C HIS A 193 -33.76 6.59 16.26
N TRP A 194 -34.27 6.04 15.18
CA TRP A 194 -33.67 4.80 14.67
C TRP A 194 -33.87 4.66 13.18
N VAL A 195 -32.91 3.93 12.57
CA VAL A 195 -32.92 3.60 11.15
C VAL A 195 -32.55 2.16 10.99
N GLN A 196 -33.23 1.41 10.16
CA GLN A 196 -32.89 0.02 9.89
C GLN A 196 -32.52 -0.14 8.42
N TRP A 197 -31.44 -0.88 8.22
CA TRP A 197 -30.80 -1.08 6.92
C TRP A 197 -30.86 -2.57 6.54
N GLN A 198 -30.88 -2.86 5.26
CA GLN A 198 -30.84 -4.21 4.78
CA GLN A 198 -30.85 -4.24 4.75
C GLN A 198 -29.94 -4.24 3.58
N ASP A 199 -29.03 -5.24 3.53
CA ASP A 199 -28.12 -5.45 2.38
C ASP A 199 -28.41 -6.83 1.79
N PRO A 200 -28.91 -6.96 0.57
CA PRO A 200 -29.34 -8.26 0.06
C PRO A 200 -28.21 -9.24 -0.12
N PHE A 201 -26.98 -8.77 -0.28
CA PHE A 201 -25.89 -9.68 -0.61
C PHE A 201 -25.31 -10.30 0.62
N PRO A 202 -25.28 -11.63 0.68
CA PRO A 202 -24.53 -12.31 1.77
C PRO A 202 -23.11 -11.78 1.92
N LYS A 203 -22.64 -11.57 3.12
CA LYS A 203 -21.27 -11.09 3.32
C LYS A 203 -20.67 -11.71 4.51
N PRO A 204 -19.36 -11.85 4.50
CA PRO A 204 -18.60 -12.10 5.67
C PRO A 204 -18.66 -10.88 6.61
N CYS A 205 -18.54 -11.07 7.91
CA CYS A 205 -18.69 -10.01 8.84
C CYS A 205 -17.64 -8.92 8.76
N TYR A 206 -16.49 -9.19 8.13
CA TYR A 206 -15.48 -8.16 8.02
C TYR A 206 -15.95 -7.01 7.14
N LEU A 207 -17.00 -7.23 6.33
CA LEU A 207 -17.53 -6.18 5.52
C LEU A 207 -18.72 -5.43 6.14
N PHE A 208 -19.07 -5.74 7.37
CA PHE A 208 -20.10 -4.95 8.10
C PHE A 208 -19.55 -3.62 8.41
N ALA A 209 -20.39 -2.59 8.33
CA ALA A 209 -20.05 -1.28 8.81
C ALA A 209 -21.24 -0.60 9.48
N LEU A 210 -20.92 0.28 10.42
CA LEU A 210 -21.89 1.16 11.06
C LEU A 210 -21.22 2.47 11.25
N VAL A 211 -21.96 3.56 10.99
CA VAL A 211 -21.50 4.91 11.25
C VAL A 211 -22.67 5.69 11.84
N ALA A 212 -22.39 6.46 12.88
CA ALA A 212 -23.37 7.37 13.43
C ALA A 212 -22.70 8.68 13.74
N GLY A 213 -23.33 9.76 13.32
CA GLY A 213 -22.75 11.08 13.54
C GLY A 213 -23.52 12.22 12.89
N ASP A 214 -22.89 13.38 12.93
CA ASP A 214 -23.43 14.63 12.31
C ASP A 214 -22.44 14.99 11.21
N PHE A 215 -22.86 15.07 10.00
CA PHE A 215 -21.99 15.27 8.87
C PHE A 215 -22.58 16.29 7.86
N ASP A 216 -21.68 16.89 7.12
CA ASP A 216 -22.06 17.39 5.82
C ASP A 216 -22.04 16.32 4.82
N VAL A 217 -22.90 16.40 3.83
CA VAL A 217 -23.07 15.37 2.87
C VAL A 217 -23.05 15.88 1.48
N LEU A 218 -22.13 15.43 0.65
CA LEU A 218 -22.07 15.77 -0.80
C LEU A 218 -22.80 14.66 -1.50
N ARG A 219 -23.85 14.99 -2.29
CA ARG A 219 -24.66 14.01 -2.95
C ARG A 219 -24.63 14.12 -4.43
N ASP A 220 -24.50 13.04 -5.16
CA ASP A 220 -24.37 13.04 -6.62
C ASP A 220 -24.98 11.74 -7.14
N THR A 221 -24.90 11.50 -8.42
CA THR A 221 -25.43 10.34 -9.08
C THR A 221 -24.52 9.80 -10.07
N PHE A 222 -24.55 8.46 -10.26
CA PHE A 222 -23.88 7.87 -11.36
C PHE A 222 -24.82 6.92 -12.06
N THR A 223 -25.01 7.02 -13.36
CA THR A 223 -25.81 6.03 -14.05
C THR A 223 -24.95 5.00 -14.75
N THR A 224 -25.21 3.71 -14.44
CA THR A 224 -24.36 2.64 -15.00
C THR A 224 -24.64 2.48 -16.47
N ARG A 225 -23.81 1.75 -17.13
CA ARG A 225 -23.92 1.66 -18.56
CA ARG A 225 -23.86 1.52 -18.54
C ARG A 225 -25.24 0.97 -18.93
N SER A 226 -25.82 0.14 -18.11
CA SER A 226 -27.13 -0.53 -18.41
C SER A 226 -28.26 0.30 -17.87
N GLY A 227 -28.04 1.45 -17.28
CA GLY A 227 -29.08 2.38 -16.83
C GLY A 227 -29.46 2.35 -15.40
N ARG A 228 -28.74 1.67 -14.50
CA ARG A 228 -29.04 1.67 -13.09
C ARG A 228 -28.62 3.04 -12.50
N GLU A 229 -29.46 3.85 -11.89
CA GLU A 229 -29.05 5.08 -11.29
C GLU A 229 -28.63 4.78 -9.86
N VAL A 230 -27.39 5.19 -9.54
CA VAL A 230 -26.84 5.01 -8.23
C VAL A 230 -26.71 6.33 -7.51
N ALA A 231 -27.24 6.42 -6.31
CA ALA A 231 -27.10 7.55 -5.46
C ALA A 231 -25.69 7.50 -4.86
N LEU A 232 -24.90 8.55 -4.98
CA LEU A 232 -23.58 8.63 -4.38
C LEU A 232 -23.59 9.61 -3.24
N GLU A 233 -23.08 9.29 -2.08
CA GLU A 233 -23.15 10.11 -0.90
C GLU A 233 -21.85 10.10 -0.16
N LEU A 234 -21.21 11.24 -0.06
CA LEU A 234 -19.93 11.41 0.67
C LEU A 234 -20.17 12.16 1.89
N TYR A 235 -19.93 11.59 3.06
CA TYR A 235 -20.15 12.11 4.37
C TYR A 235 -18.88 12.65 4.91
N VAL A 236 -18.78 13.89 5.31
CA VAL A 236 -17.59 14.51 5.84
C VAL A 236 -17.92 15.29 7.06
N ASP A 237 -16.94 15.59 7.90
CA ASP A 237 -17.26 16.45 9.05
C ASP A 237 -17.73 17.79 8.61
N ARG A 238 -18.56 18.38 9.48
CA ARG A 238 -19.06 19.71 9.16
C ARG A 238 -17.90 20.71 8.88
N GLY A 239 -18.14 21.41 7.79
CA GLY A 239 -17.23 22.40 7.27
C GLY A 239 -16.22 21.92 6.30
N ASN A 240 -16.26 20.60 5.95
CA ASN A 240 -15.34 20.05 4.96
C ASN A 240 -15.94 19.85 3.58
N LEU A 241 -17.14 20.39 3.26
CA LEU A 241 -17.59 20.18 1.86
C LEU A 241 -16.76 20.75 0.78
N ASP A 242 -15.97 21.78 1.13
CA ASP A 242 -15.11 22.41 0.20
C ASP A 242 -13.96 21.52 -0.31
N ARG A 243 -13.76 20.43 0.47
CA ARG A 243 -12.73 19.45 0.16
C ARG A 243 -13.28 18.14 -0.35
N ALA A 244 -14.54 18.02 -0.69
CA ALA A 244 -15.14 16.79 -1.16
C ALA A 244 -15.27 16.48 -2.65
N PRO A 245 -15.38 17.50 -3.52
CA PRO A 245 -15.65 17.18 -4.88
C PRO A 245 -14.67 16.30 -5.63
N TRP A 246 -13.35 16.41 -5.37
CA TRP A 246 -12.42 15.54 -6.06
C TRP A 246 -12.64 14.03 -5.76
N ALA A 247 -12.91 13.76 -4.51
CA ALA A 247 -13.20 12.35 -4.14
C ALA A 247 -14.43 11.87 -4.85
N MET A 248 -15.46 12.72 -4.93
CA MET A 248 -16.67 12.29 -5.69
C MET A 248 -16.44 12.10 -7.16
N THR A 249 -15.63 13.03 -7.77
CA THR A 249 -15.20 12.93 -9.16
C THR A 249 -14.48 11.58 -9.43
N SER A 250 -13.59 11.27 -8.46
CA SER A 250 -12.83 10.09 -8.58
C SER A 250 -13.66 8.82 -8.42
N LEU A 251 -14.69 8.85 -7.57
CA LEU A 251 -15.63 7.71 -7.45
C LEU A 251 -16.33 7.45 -8.81
N LYS A 252 -16.83 8.55 -9.39
CA LYS A 252 -17.44 8.39 -10.71
C LYS A 252 -16.50 7.86 -11.83
N ASN A 253 -15.24 8.39 -11.79
CA ASN A 253 -14.27 7.94 -12.70
C ASN A 253 -13.99 6.43 -12.51
N SER A 254 -13.90 5.97 -11.23
CA SER A 254 -13.68 4.59 -10.88
C SER A 254 -14.79 3.71 -11.45
N MET A 255 -16.02 4.19 -11.28
CA MET A 255 -17.16 3.39 -11.72
C MET A 255 -17.18 3.28 -13.23
N LYS A 256 -16.95 4.39 -13.96
CA LYS A 256 -16.81 4.33 -15.40
C LYS A 256 -15.75 3.41 -15.90
N TRP A 257 -14.56 3.54 -15.25
CA TRP A 257 -13.47 2.72 -15.68
C TRP A 257 -13.69 1.25 -15.50
N ASP A 258 -14.26 0.86 -14.37
CA ASP A 258 -14.47 -0.57 -14.15
C ASP A 258 -15.43 -1.15 -15.20
N GLU A 259 -16.40 -0.29 -15.59
CA GLU A 259 -17.30 -0.66 -16.69
C GLU A 259 -16.50 -0.85 -18.01
N GLU A 260 -15.72 0.11 -18.38
CA GLU A 260 -15.00 0.14 -19.67
C GLU A 260 -13.94 -0.95 -19.73
N ARG A 261 -13.12 -1.07 -18.68
CA ARG A 261 -12.02 -2.03 -18.72
C ARG A 261 -12.34 -3.45 -18.39
N PHE A 262 -13.11 -3.64 -17.28
CA PHE A 262 -13.46 -4.89 -16.78
C PHE A 262 -14.90 -5.40 -17.00
N GLY A 263 -15.72 -4.50 -17.52
CA GLY A 263 -17.10 -4.83 -17.73
C GLY A 263 -17.96 -4.99 -16.51
N LEU A 264 -17.59 -4.32 -15.45
CA LEU A 264 -18.26 -4.48 -14.13
C LEU A 264 -18.99 -3.25 -13.77
N GLU A 265 -20.24 -3.45 -13.32
CA GLU A 265 -21.12 -2.43 -12.87
C GLU A 265 -21.41 -2.54 -11.35
N TYR A 266 -21.68 -1.39 -10.72
CA TYR A 266 -22.12 -1.35 -9.34
C TYR A 266 -23.44 -2.10 -9.27
N ASP A 267 -23.67 -2.74 -8.12
CA ASP A 267 -24.72 -3.72 -7.90
C ASP A 267 -25.82 -3.34 -6.90
N LEU A 268 -25.68 -2.14 -6.32
CA LEU A 268 -26.57 -1.61 -5.34
C LEU A 268 -27.08 -0.28 -5.77
N ASP A 269 -27.96 0.30 -4.93
CA ASP A 269 -28.60 1.54 -5.23
C ASP A 269 -28.00 2.81 -4.70
N ILE A 270 -27.19 2.64 -3.64
CA ILE A 270 -26.60 3.71 -2.93
C ILE A 270 -25.11 3.31 -2.75
N TYR A 271 -24.26 4.30 -2.95
CA TYR A 271 -22.79 4.09 -2.64
C TYR A 271 -22.43 5.20 -1.64
N MET A 272 -22.15 4.85 -0.37
CA MET A 272 -21.81 5.79 0.70
C MET A 272 -20.29 5.68 1.00
N ILE A 273 -19.68 6.81 1.19
CA ILE A 273 -18.30 6.90 1.67
C ILE A 273 -18.31 7.82 2.86
N VAL A 274 -17.69 7.49 3.97
CA VAL A 274 -17.61 8.34 5.18
C VAL A 274 -16.11 8.62 5.41
N ALA A 275 -15.72 9.87 5.51
CA ALA A 275 -14.35 10.27 5.83
C ALA A 275 -14.20 10.53 7.28
N VAL A 276 -13.37 9.70 7.95
CA VAL A 276 -13.11 9.83 9.37
C VAL A 276 -11.69 10.22 9.71
N ASP A 277 -11.51 10.96 10.78
CA ASP A 277 -10.14 11.45 11.10
C ASP A 277 -9.30 10.42 11.79
N PHE A 278 -9.88 9.50 12.48
CA PHE A 278 -9.20 8.50 13.28
C PHE A 278 -9.38 7.13 12.66
N PHE A 279 -8.29 6.62 12.03
CA PHE A 279 -8.41 5.38 11.23
C PHE A 279 -7.00 4.82 11.10
N ASN A 280 -6.81 3.53 11.38
CA ASN A 280 -5.43 2.95 11.35
C ASN A 280 -4.90 2.79 9.96
N MET A 281 -5.70 2.46 9.00
CA MET A 281 -5.24 2.21 7.63
C MET A 281 -5.67 3.28 6.70
N GLY A 282 -5.83 2.98 5.44
CA GLY A 282 -6.13 3.95 4.43
C GLY A 282 -7.61 4.11 4.21
N ALA A 283 -8.25 3.01 3.92
CA ALA A 283 -9.69 3.02 3.69
C ALA A 283 -10.16 1.59 3.69
N MET A 284 -11.51 1.37 3.67
CA MET A 284 -12.09 0.08 3.88
C MET A 284 -13.29 -0.13 3.00
N GLU A 285 -13.36 -1.24 2.28
CA GLU A 285 -14.34 -1.53 1.24
C GLU A 285 -15.74 -2.08 1.73
N ASN A 286 -16.13 -1.67 2.95
CA ASN A 286 -17.41 -2.26 3.50
C ASN A 286 -18.52 -2.07 2.43
N LYS A 287 -19.32 -3.11 2.19
CA LYS A 287 -20.27 -3.11 1.02
C LYS A 287 -21.20 -1.92 1.13
N GLY A 288 -21.15 -1.12 0.08
CA GLY A 288 -21.97 0.07 0.01
C GLY A 288 -21.80 1.16 1.02
N LEU A 289 -20.82 1.04 1.90
CA LEU A 289 -20.58 1.98 3.02
C LEU A 289 -19.10 1.94 3.32
N ASN A 290 -18.32 2.49 2.39
CA ASN A 290 -16.87 2.49 2.61
C ASN A 290 -16.57 3.50 3.66
N ILE A 291 -15.57 3.18 4.54
CA ILE A 291 -15.09 4.09 5.57
C ILE A 291 -13.62 4.42 5.21
N PHE A 292 -13.30 5.70 5.11
CA PHE A 292 -12.00 6.19 4.63
C PHE A 292 -11.31 7.00 5.67
N ASN A 293 -10.00 6.84 5.81
CA ASN A 293 -9.21 7.86 6.50
C ASN A 293 -9.41 9.15 5.68
N SER A 294 -9.69 10.26 6.36
CA SER A 294 -9.87 11.50 5.65
CA SER A 294 -9.84 11.56 5.72
C SER A 294 -8.70 11.93 4.83
N LYS A 295 -7.50 11.43 5.10
CA LYS A 295 -6.37 11.67 4.23
C LYS A 295 -6.59 11.27 2.80
N TYR A 296 -7.41 10.25 2.55
CA TYR A 296 -7.67 9.73 1.23
C TYR A 296 -9.01 10.17 0.71
N VAL A 297 -9.51 11.28 1.24
CA VAL A 297 -10.77 11.91 0.73
C VAL A 297 -10.51 13.40 0.55
N LEU A 298 -10.04 14.12 1.53
CA LEU A 298 -10.16 15.60 1.51
C LEU A 298 -9.05 16.27 0.77
N ALA A 299 -9.45 17.12 -0.18
CA ALA A 299 -8.48 17.81 -1.00
C ALA A 299 -9.06 19.10 -1.52
N ARG A 300 -8.25 20.15 -1.48
CA ARG A 300 -8.52 21.40 -2.25
C ARG A 300 -7.16 21.94 -2.62
N THR A 301 -7.06 22.84 -3.60
CA THR A 301 -5.79 23.15 -4.20
C THR A 301 -4.80 23.83 -3.19
N ASP A 302 -5.30 24.46 -2.15
CA ASP A 302 -4.41 25.06 -1.15
C ASP A 302 -3.99 24.11 -0.04
N THR A 303 -4.61 22.93 0.04
CA THR A 303 -4.34 21.98 1.14
C THR A 303 -3.69 20.72 0.65
N ALA A 304 -3.79 20.38 -0.60
CA ALA A 304 -3.42 19.04 -1.12
C ALA A 304 -2.50 19.15 -2.25
N THR A 305 -1.48 18.31 -2.37
CA THR A 305 -0.58 18.31 -3.47
C THR A 305 -1.08 17.43 -4.60
N ASP A 306 -0.45 17.47 -5.74
CA ASP A 306 -0.74 16.59 -6.88
C ASP A 306 -0.70 15.14 -6.44
N LYS A 307 0.29 14.82 -5.64
CA LYS A 307 0.44 13.39 -5.16
C LYS A 307 -0.79 13.09 -4.26
N ASP A 308 -1.28 14.00 -3.42
CA ASP A 308 -2.48 13.74 -2.60
C ASP A 308 -3.69 13.47 -3.57
N TYR A 309 -3.79 14.31 -4.59
CA TYR A 309 -4.90 14.11 -5.53
C TYR A 309 -4.87 12.73 -6.17
N LEU A 310 -3.71 12.31 -6.65
CA LEU A 310 -3.53 11.06 -7.30
C LEU A 310 -3.67 9.89 -6.29
N ASP A 311 -3.26 10.07 -5.05
CA ASP A 311 -3.51 9.05 -4.00
C ASP A 311 -4.97 8.95 -3.65
N ILE A 312 -5.73 10.07 -3.57
CA ILE A 312 -7.16 9.95 -3.39
C ILE A 312 -7.76 9.17 -4.51
N GLU A 313 -7.44 9.52 -5.76
CA GLU A 313 -7.90 8.81 -6.89
C GLU A 313 -7.65 7.28 -6.76
N ARG A 314 -6.41 6.91 -6.44
CA ARG A 314 -6.11 5.51 -6.37
C ARG A 314 -6.81 4.75 -5.22
N VAL A 315 -6.98 5.38 -4.08
CA VAL A 315 -7.64 4.76 -2.94
C VAL A 315 -9.13 4.66 -3.10
N ILE A 316 -9.75 5.76 -3.62
CA ILE A 316 -11.18 5.70 -4.01
C ILE A 316 -11.33 4.56 -4.97
N GLY A 317 -10.55 4.49 -6.05
CA GLY A 317 -10.63 3.42 -6.99
C GLY A 317 -10.48 2.05 -6.33
N HIS A 318 -9.44 1.89 -5.56
CA HIS A 318 -9.15 0.62 -4.93
C HIS A 318 -10.39 0.07 -4.15
N GLU A 319 -10.96 0.95 -3.29
CA GLU A 319 -12.08 0.46 -2.49
C GLU A 319 -13.26 0.13 -3.39
N TYR A 320 -13.50 0.93 -4.41
CA TYR A 320 -14.57 0.63 -5.34
C TYR A 320 -14.36 -0.64 -6.07
N PHE A 321 -13.13 -0.94 -6.53
CA PHE A 321 -12.80 -2.17 -7.23
C PHE A 321 -12.97 -3.42 -6.37
N HIS A 322 -12.81 -3.25 -5.06
CA HIS A 322 -13.13 -4.37 -4.16
C HIS A 322 -14.59 -4.80 -4.23
N ASN A 323 -15.47 -3.94 -4.73
CA ASN A 323 -16.86 -4.38 -4.76
C ASN A 323 -17.05 -5.73 -5.45
N TRP A 324 -16.28 -6.00 -6.52
CA TRP A 324 -16.21 -7.28 -7.16
C TRP A 324 -15.08 -8.12 -6.62
N THR A 325 -13.84 -7.58 -6.59
CA THR A 325 -12.72 -8.39 -6.19
C THR A 325 -12.48 -8.22 -4.69
N GLY A 326 -13.30 -8.94 -3.91
CA GLY A 326 -13.27 -8.93 -2.45
C GLY A 326 -14.66 -9.11 -1.87
N ASN A 327 -15.64 -8.45 -2.49
CA ASN A 327 -17.01 -8.45 -1.85
C ASN A 327 -17.86 -9.47 -2.60
N ARG A 328 -18.14 -9.28 -3.90
CA ARG A 328 -18.93 -10.29 -4.63
C ARG A 328 -18.25 -11.60 -4.65
N VAL A 329 -16.89 -11.68 -4.76
CA VAL A 329 -16.10 -12.86 -4.47
C VAL A 329 -15.19 -12.51 -3.32
N THR A 330 -15.30 -13.19 -2.20
CA THR A 330 -14.51 -12.95 -1.00
C THR A 330 -13.42 -14.03 -0.80
N CYS A 331 -12.84 -13.98 0.40
CA CYS A 331 -11.75 -14.88 0.74
C CYS A 331 -12.22 -16.00 1.64
N ARG A 332 -11.84 -17.26 1.26
CA ARG A 332 -12.21 -18.46 2.10
C ARG A 332 -11.66 -18.33 3.49
N ASP A 333 -10.46 -17.78 3.63
CA ASP A 333 -9.73 -17.67 4.88
C ASP A 333 -8.70 -16.54 4.70
N TRP A 334 -8.14 -16.09 5.81
CA TRP A 334 -7.25 -14.92 5.77
C TRP A 334 -5.97 -15.21 5.09
N PHE A 335 -5.53 -16.46 5.00
CA PHE A 335 -4.32 -16.76 4.26
C PHE A 335 -4.48 -16.47 2.81
N GLN A 336 -5.69 -16.36 2.28
CA GLN A 336 -6.05 -16.02 0.90
C GLN A 336 -6.16 -14.50 0.69
N LEU A 337 -5.69 -13.68 1.62
CA LEU A 337 -5.83 -12.21 1.52
C LEU A 337 -5.43 -11.68 0.15
N SER A 338 -4.33 -12.16 -0.35
CA SER A 338 -3.86 -11.62 -1.66
C SER A 338 -4.77 -11.86 -2.79
N LEU A 339 -5.70 -12.85 -2.72
CA LEU A 339 -6.70 -13.11 -3.70
C LEU A 339 -7.49 -11.79 -3.96
N LYS A 340 -7.82 -11.09 -2.90
CA LYS A 340 -8.47 -9.80 -3.12
C LYS A 340 -7.48 -8.65 -3.18
N GLU A 341 -6.39 -8.70 -2.40
CA GLU A 341 -5.54 -7.51 -2.35
C GLU A 341 -4.57 -7.42 -3.55
N GLY A 342 -3.92 -8.46 -3.97
CA GLY A 342 -3.05 -8.42 -5.16
C GLY A 342 -3.88 -8.00 -6.34
N LEU A 343 -5.06 -8.60 -6.49
CA LEU A 343 -5.88 -8.33 -7.68
C LEU A 343 -6.46 -6.92 -7.57
N THR A 344 -6.86 -6.42 -6.43
CA THR A 344 -7.45 -5.07 -6.35
C THR A 344 -6.35 -4.01 -6.47
N VAL A 345 -5.12 -4.27 -5.99
CA VAL A 345 -4.05 -3.37 -6.27
C VAL A 345 -3.72 -3.38 -7.76
N PHE A 346 -3.69 -4.54 -8.41
CA PHE A 346 -3.50 -4.56 -9.84
C PHE A 346 -4.54 -3.67 -10.53
N ARG A 347 -5.80 -3.81 -10.12
CA ARG A 347 -6.85 -3.00 -10.70
C ARG A 347 -6.66 -1.54 -10.43
N ASP A 348 -6.28 -1.13 -9.22
CA ASP A 348 -6.03 0.30 -8.93
C ASP A 348 -4.86 0.82 -9.76
N GLN A 349 -3.86 0.00 -9.97
CA GLN A 349 -2.72 0.45 -10.77
C GLN A 349 -3.12 0.64 -12.23
N GLU A 350 -3.90 -0.30 -12.76
CA GLU A 350 -4.41 -0.20 -14.14
C GLU A 350 -5.33 0.97 -14.33
N PHE A 351 -6.14 1.29 -13.36
CA PHE A 351 -7.02 2.47 -13.34
C PHE A 351 -6.16 3.72 -13.39
N SER A 352 -5.21 3.90 -12.47
CA SER A 352 -4.40 5.09 -12.48
C SER A 352 -3.62 5.15 -13.79
N SER A 353 -3.06 4.06 -14.24
CA SER A 353 -2.19 4.06 -15.42
C SER A 353 -3.01 4.45 -16.65
N ASP A 354 -4.24 3.94 -16.79
CA ASP A 354 -5.11 4.25 -17.97
C ASP A 354 -5.50 5.67 -17.87
N LEU A 355 -5.84 6.25 -16.77
CA LEU A 355 -6.33 7.65 -16.69
C LEU A 355 -5.20 8.62 -16.79
N GLY A 356 -4.03 8.23 -16.24
CA GLY A 356 -2.92 9.15 -16.07
C GLY A 356 -1.76 8.69 -16.90
N SER A 357 -0.52 8.89 -16.36
CA SER A 357 0.69 8.42 -17.04
C SER A 357 1.01 7.03 -16.71
N ARG A 358 0.91 6.15 -17.65
CA ARG A 358 1.27 4.74 -17.42
C ARG A 358 2.71 4.61 -16.92
N ALA A 359 3.62 5.27 -17.63
CA ALA A 359 5.04 5.12 -17.23
C ALA A 359 5.28 5.65 -15.92
N VAL A 360 4.77 6.76 -15.45
CA VAL A 360 5.04 7.31 -14.16
C VAL A 360 4.48 6.33 -13.11
N ASN A 361 3.26 5.82 -13.31
CA ASN A 361 2.72 4.78 -12.44
C ASN A 361 3.65 3.56 -12.33
N ARG A 362 4.06 3.03 -13.46
CA ARG A 362 4.85 1.81 -13.45
C ARG A 362 6.14 2.13 -12.67
N ILE A 363 6.78 3.23 -13.08
CA ILE A 363 8.01 3.65 -12.37
C ILE A 363 7.84 3.69 -10.87
N ASN A 364 6.80 4.32 -10.37
CA ASN A 364 6.64 4.50 -8.95
C ASN A 364 6.32 3.12 -8.30
N ASN A 365 5.56 2.28 -8.96
CA ASN A 365 5.29 0.96 -8.38
C ASN A 365 6.53 0.10 -8.34
N VAL A 366 7.43 0.26 -9.31
CA VAL A 366 8.70 -0.45 -9.27
C VAL A 366 9.58 0.14 -8.17
N ARG A 367 9.62 1.46 -7.97
CA ARG A 367 10.38 2.01 -6.88
CA ARG A 367 10.35 2.09 -6.85
C ARG A 367 9.91 1.44 -5.54
N THR A 368 8.62 1.28 -5.29
CA THR A 368 8.05 0.64 -4.11
C THR A 368 8.46 -0.79 -4.00
N MET A 369 8.41 -1.54 -5.05
CA MET A 369 8.83 -2.96 -5.04
C MET A 369 10.28 -3.09 -4.66
N ARG A 370 11.14 -2.37 -5.38
CA ARG A 370 12.59 -2.56 -5.20
C ARG A 370 13.03 -1.92 -3.94
N GLY A 371 12.52 -0.81 -3.49
CA GLY A 371 12.93 -0.18 -2.29
C GLY A 371 12.35 -0.49 -0.94
N LEU A 372 11.11 -0.91 -0.93
CA LEU A 372 10.38 -1.26 0.25
C LEU A 372 10.04 -2.73 0.29
N GLN A 373 9.46 -3.30 -0.75
CA GLN A 373 9.04 -4.70 -0.74
C GLN A 373 10.21 -5.64 -0.65
N PHE A 374 11.24 -5.40 -1.43
CA PHE A 374 12.40 -6.28 -1.37
C PHE A 374 12.97 -6.29 0.06
N ALA A 375 12.97 -5.15 0.69
CA ALA A 375 13.49 -5.13 2.15
C ALA A 375 12.67 -6.06 3.01
N GLU A 376 11.36 -6.07 2.79
CA GLU A 376 10.53 -6.97 3.58
C GLU A 376 10.85 -8.41 3.32
N ASP A 377 11.06 -8.79 2.06
CA ASP A 377 11.32 -10.10 1.62
C ASP A 377 12.72 -10.63 2.11
N ALA A 378 13.53 -9.66 2.50
CA ALA A 378 14.97 -9.95 3.02
C ALA A 378 14.91 -9.81 4.56
N SER A 379 13.72 -9.81 5.20
CA SER A 379 13.61 -9.48 6.63
C SER A 379 13.08 -10.73 7.38
N PRO A 380 13.13 -10.60 8.73
CA PRO A 380 12.51 -11.70 9.53
C PRO A 380 11.04 -11.90 9.34
N MET A 381 10.38 -10.88 8.80
CA MET A 381 8.94 -11.04 8.57
CA MET A 381 8.95 -11.02 8.53
C MET A 381 8.61 -11.51 7.16
N ALA A 382 9.62 -11.95 6.37
CA ALA A 382 9.35 -12.47 5.04
C ALA A 382 8.26 -13.53 5.01
N HIS A 383 7.40 -13.50 3.99
CA HIS A 383 6.33 -14.41 3.80
C HIS A 383 5.95 -14.54 2.39
N PRO A 384 5.41 -15.62 1.91
CA PRO A 384 4.84 -15.71 0.56
C PRO A 384 3.59 -14.83 0.45
N ILE A 385 3.21 -14.51 -0.79
CA ILE A 385 2.00 -13.66 -0.96
C ILE A 385 0.77 -14.39 -0.39
N ARG A 386 0.80 -15.72 -0.36
CA ARG A 386 -0.20 -16.55 0.38
C ARG A 386 0.52 -17.03 1.65
N PRO A 387 0.41 -16.42 2.78
CA PRO A 387 1.15 -16.89 3.95
C PRO A 387 0.72 -18.31 4.39
N ASP A 388 1.67 -18.94 5.06
CA ASP A 388 1.42 -20.30 5.66
C ASP A 388 1.23 -20.22 7.15
N MET A 389 1.64 -19.22 7.84
CA MET A 389 1.67 -19.13 9.30
C MET A 389 1.42 -17.69 9.69
N VAL A 390 0.41 -17.47 10.56
CA VAL A 390 0.19 -16.15 11.06
C VAL A 390 -0.11 -16.19 12.54
N ILE A 391 0.40 -15.26 13.33
CA ILE A 391 -0.02 -15.10 14.72
C ILE A 391 -1.12 -14.06 14.86
N GLU A 392 -0.84 -12.85 14.36
CA GLU A 392 -1.83 -11.73 14.32
C GLU A 392 -2.09 -11.36 12.87
N MET A 393 -3.27 -11.65 12.36
CA MET A 393 -3.54 -11.41 10.94
C MET A 393 -3.43 -9.97 10.61
N ASN A 394 -3.62 -9.02 11.47
CA ASN A 394 -3.45 -7.62 11.05
C ASN A 394 -2.03 -7.30 10.71
N ASN A 395 -1.05 -8.16 11.08
CA ASN A 395 0.37 -8.00 10.65
C ASN A 395 0.60 -8.40 9.23
N PHE A 396 -0.37 -9.00 8.52
CA PHE A 396 -0.14 -9.49 7.16
C PHE A 396 -0.81 -8.66 6.05
N TYR A 397 -1.12 -7.42 6.43
CA TYR A 397 -1.54 -6.38 5.42
C TYR A 397 -0.29 -5.68 4.98
N THR A 398 0.44 -6.32 4.08
CA THR A 398 1.84 -5.98 3.86
C THR A 398 2.12 -5.58 2.41
N LEU A 399 3.30 -4.98 2.26
CA LEU A 399 3.85 -4.74 0.96
C LEU A 399 3.87 -5.99 0.13
N THR A 400 4.24 -7.15 0.75
CA THR A 400 4.22 -8.38 0.08
C THR A 400 2.88 -8.80 -0.47
N VAL A 401 1.91 -8.85 0.43
CA VAL A 401 0.58 -9.31 0.03
C VAL A 401 -0.08 -8.40 -1.01
N TYR A 402 0.11 -7.10 -0.83
CA TYR A 402 -0.40 -6.04 -1.70
C TYR A 402 0.38 -5.89 -2.98
N GLU A 403 1.60 -5.39 -2.83
CA GLU A 403 2.37 -4.96 -4.00
C GLU A 403 3.04 -6.08 -4.73
N LYS A 404 3.68 -7.05 -4.02
CA LYS A 404 4.12 -8.22 -4.68
C LYS A 404 2.97 -9.08 -5.23
N GLY A 405 1.85 -9.06 -4.44
CA GLY A 405 0.61 -9.70 -4.90
C GLY A 405 0.20 -9.21 -6.27
N ALA A 406 0.23 -7.88 -6.41
CA ALA A 406 -0.11 -7.27 -7.68
C ALA A 406 0.85 -7.60 -8.79
N GLU A 407 2.14 -7.66 -8.44
CA GLU A 407 3.14 -8.08 -9.45
C GLU A 407 2.86 -9.50 -9.94
N VAL A 408 2.39 -10.41 -9.05
CA VAL A 408 2.03 -11.71 -9.44
C VAL A 408 0.80 -11.75 -10.39
N ILE A 409 -0.20 -10.91 -10.11
CA ILE A 409 -1.33 -10.79 -11.01
C ILE A 409 -0.85 -10.24 -12.37
N ARG A 410 0.03 -9.22 -12.32
CA ARG A 410 0.57 -8.63 -13.54
C ARG A 410 1.35 -9.63 -14.39
N MET A 411 2.05 -10.52 -13.72
CA MET A 411 2.73 -11.60 -14.44
C MET A 411 1.74 -12.53 -15.16
N ILE A 412 0.62 -12.86 -14.48
CA ILE A 412 -0.43 -13.60 -15.20
C ILE A 412 -0.89 -12.83 -16.36
N HIS A 413 -1.16 -11.53 -16.25
CA HIS A 413 -1.55 -10.67 -17.37
C HIS A 413 -0.49 -10.65 -18.47
N THR A 414 0.79 -10.66 -18.13
CA THR A 414 1.87 -10.72 -19.11
C THR A 414 1.86 -12.04 -19.88
N LEU A 415 1.66 -13.12 -19.17
CA LEU A 415 1.68 -14.45 -19.76
C LEU A 415 0.43 -14.72 -20.62
N LEU A 416 -0.69 -14.10 -20.27
CA LEU A 416 -1.94 -14.39 -20.99
C LEU A 416 -2.29 -13.41 -22.04
N GLY A 417 -1.97 -12.14 -21.85
CA GLY A 417 -2.47 -11.05 -22.63
C GLY A 417 -3.84 -10.54 -22.13
N GLU A 418 -4.18 -9.33 -22.41
CA GLU A 418 -5.42 -8.72 -21.94
C GLU A 418 -6.61 -9.57 -22.27
N GLU A 419 -6.77 -9.99 -23.51
CA GLU A 419 -7.99 -10.68 -23.86
C GLU A 419 -8.19 -11.95 -23.06
N ASN A 420 -7.20 -12.84 -22.96
CA ASN A 420 -7.28 -14.05 -22.19
C ASN A 420 -7.38 -13.72 -20.66
N PHE A 421 -6.73 -12.66 -20.20
CA PHE A 421 -6.82 -12.28 -18.80
C PHE A 421 -8.28 -11.89 -18.48
N GLN A 422 -8.91 -11.13 -19.34
CA GLN A 422 -10.31 -10.78 -19.08
C GLN A 422 -11.22 -11.99 -19.18
N LYS A 423 -10.95 -12.96 -20.13
CA LYS A 423 -11.72 -14.21 -20.11
C LYS A 423 -11.54 -14.93 -18.77
N GLY A 424 -10.35 -14.93 -18.18
CA GLY A 424 -10.11 -15.50 -16.86
C GLY A 424 -10.89 -14.77 -15.79
N MET A 425 -10.91 -13.44 -15.82
CA MET A 425 -11.70 -12.70 -14.83
C MET A 425 -13.18 -13.11 -14.95
N GLN A 426 -13.63 -13.20 -16.17
CA GLN A 426 -15.05 -13.55 -16.39
C GLN A 426 -15.37 -14.94 -15.88
N LEU A 427 -14.49 -15.92 -16.08
CA LEU A 427 -14.67 -17.24 -15.57
C LEU A 427 -14.61 -17.29 -14.10
N TYR A 428 -13.69 -16.53 -13.46
CA TYR A 428 -13.56 -16.39 -12.01
C TYR A 428 -14.88 -15.88 -11.39
N PHE A 429 -15.47 -14.86 -11.96
CA PHE A 429 -16.74 -14.39 -11.41
C PHE A 429 -17.85 -15.37 -11.73
N GLU A 430 -17.91 -15.97 -12.90
CA GLU A 430 -18.97 -16.98 -13.19
C GLU A 430 -18.92 -18.07 -12.19
N ARG A 431 -17.73 -18.62 -11.86
CA ARG A 431 -17.64 -19.72 -10.95
C ARG A 431 -17.84 -19.36 -9.49
N HIS A 432 -17.41 -18.19 -9.09
CA HIS A 432 -17.26 -17.85 -7.71
C HIS A 432 -18.09 -16.68 -7.15
N ASP A 433 -18.86 -16.02 -7.99
CA ASP A 433 -19.80 -14.95 -7.50
C ASP A 433 -20.60 -15.51 -6.37
N GLY A 434 -20.64 -14.77 -5.32
CA GLY A 434 -21.47 -15.06 -4.14
C GLY A 434 -20.80 -16.03 -3.26
N SER A 435 -19.50 -16.37 -3.35
CA SER A 435 -18.75 -17.27 -2.56
C SER A 435 -17.44 -16.71 -1.99
N ALA A 436 -16.84 -17.46 -1.08
CA ALA A 436 -15.56 -17.23 -0.50
C ALA A 436 -14.50 -18.12 -1.13
N ALA A 437 -13.59 -17.61 -1.95
CA ALA A 437 -12.77 -18.43 -2.83
C ALA A 437 -11.30 -18.37 -2.32
N THR A 438 -10.45 -19.11 -3.05
CA THR A 438 -9.04 -19.24 -2.68
C THR A 438 -8.17 -18.69 -3.83
N CYS A 439 -6.93 -18.38 -3.51
CA CYS A 439 -5.93 -18.03 -4.60
C CYS A 439 -5.88 -19.09 -5.64
N ASP A 440 -5.86 -20.36 -5.23
CA ASP A 440 -5.81 -21.41 -6.22
C ASP A 440 -6.99 -21.40 -7.17
N ASP A 441 -8.20 -21.04 -6.67
CA ASP A 441 -9.34 -20.93 -7.52
C ASP A 441 -9.14 -19.91 -8.59
N PHE A 442 -8.54 -18.74 -8.24
CA PHE A 442 -8.31 -17.70 -9.18
C PHE A 442 -7.33 -18.14 -10.30
N VAL A 443 -6.24 -18.72 -9.84
CA VAL A 443 -5.28 -19.21 -10.85
C VAL A 443 -5.92 -20.26 -11.72
N GLN A 444 -6.70 -21.19 -11.16
CA GLN A 444 -7.41 -22.16 -12.03
CA GLN A 444 -7.37 -22.15 -12.04
C GLN A 444 -8.30 -21.55 -13.06
N ALA A 445 -9.04 -20.48 -12.67
CA ALA A 445 -9.85 -19.83 -13.60
C ALA A 445 -9.09 -19.22 -14.78
N MET A 446 -7.97 -18.57 -14.44
CA MET A 446 -7.11 -17.98 -15.47
C MET A 446 -6.54 -19.12 -16.35
N GLU A 447 -6.05 -20.22 -15.81
CA GLU A 447 -5.54 -21.33 -16.63
C GLU A 447 -6.67 -21.87 -17.50
N ASP A 448 -7.83 -22.11 -16.93
CA ASP A 448 -8.85 -22.76 -17.70
C ASP A 448 -9.39 -21.92 -18.83
N ALA A 449 -9.53 -20.59 -18.63
CA ALA A 449 -10.05 -19.69 -19.63
C ALA A 449 -9.08 -19.52 -20.80
N SER A 450 -7.76 -19.51 -20.47
CA SER A 450 -6.76 -19.17 -21.42
C SER A 450 -6.09 -20.35 -22.11
N ASN A 451 -6.12 -21.51 -21.53
CA ASN A 451 -5.30 -22.67 -21.92
C ASN A 451 -3.83 -22.41 -21.76
N VAL A 452 -3.45 -21.49 -20.87
CA VAL A 452 -2.04 -21.31 -20.50
C VAL A 452 -1.77 -22.11 -19.27
N ASP A 453 -0.72 -22.94 -19.23
CA ASP A 453 -0.44 -23.72 -18.09
C ASP A 453 0.25 -22.88 -16.97
N LEU A 454 -0.39 -22.74 -15.83
CA LEU A 454 0.09 -22.05 -14.64
C LEU A 454 0.44 -22.90 -13.48
N SER A 455 0.72 -24.20 -13.76
CA SER A 455 1.03 -25.11 -12.70
CA SER A 455 1.03 -25.11 -12.73
C SER A 455 2.34 -24.72 -12.00
N HIS A 456 3.39 -24.48 -12.80
CA HIS A 456 4.66 -24.04 -12.22
C HIS A 456 4.51 -22.65 -11.67
N PHE A 457 3.74 -21.84 -12.37
CA PHE A 457 3.55 -20.42 -11.95
C PHE A 457 3.04 -20.27 -10.49
N ARG A 458 2.24 -21.31 -10.10
CA ARG A 458 1.69 -21.30 -8.72
C ARG A 458 2.70 -21.19 -7.64
N ARG A 459 3.97 -21.58 -7.89
CA ARG A 459 4.97 -21.44 -6.87
C ARG A 459 5.20 -20.03 -6.37
N TRP A 460 4.86 -19.06 -7.26
CA TRP A 460 4.90 -17.67 -6.76
C TRP A 460 4.03 -17.40 -5.58
N TYR A 461 2.97 -18.18 -5.38
CA TYR A 461 2.14 -18.01 -4.22
C TYR A 461 2.66 -18.59 -2.94
N SER A 462 3.51 -19.62 -3.10
CA SER A 462 3.99 -20.30 -1.92
CA SER A 462 4.05 -20.45 -2.00
C SER A 462 5.39 -20.11 -1.51
N GLN A 463 6.18 -19.41 -2.35
CA GLN A 463 7.57 -19.18 -2.05
C GLN A 463 7.87 -17.75 -1.71
N SER A 464 8.52 -17.46 -0.61
CA SER A 464 8.91 -16.15 -0.24
C SER A 464 10.27 -15.77 -0.77
N GLY A 465 10.68 -14.52 -0.59
CA GLY A 465 12.00 -14.08 -1.03
C GLY A 465 12.02 -13.56 -2.48
N THR A 466 13.05 -12.73 -2.81
CA THR A 466 13.23 -12.14 -4.12
C THR A 466 14.13 -12.99 -5.00
N PRO A 467 13.69 -13.52 -6.11
CA PRO A 467 14.60 -14.23 -7.01
C PRO A 467 15.64 -13.25 -7.57
N ILE A 468 16.84 -13.80 -7.70
CA ILE A 468 17.94 -13.15 -8.41
C ILE A 468 18.14 -13.82 -9.75
N VAL A 469 18.00 -12.99 -10.83
CA VAL A 469 18.10 -13.44 -12.16
C VAL A 469 19.42 -12.87 -12.77
N THR A 470 20.31 -13.84 -13.12
CA THR A 470 21.66 -13.49 -13.66
C THR A 470 21.65 -13.70 -15.12
N VAL A 471 22.11 -12.73 -15.92
CA VAL A 471 22.09 -12.81 -17.37
C VAL A 471 23.54 -12.58 -17.92
N LYS A 472 23.95 -13.53 -18.75
CA LYS A 472 25.24 -13.34 -19.57
C LYS A 472 24.81 -13.38 -20.98
N ASP A 473 25.56 -12.71 -21.84
CA ASP A 473 25.23 -12.68 -23.25
C ASP A 473 26.45 -12.94 -24.18
N ASP A 474 26.13 -13.37 -25.40
CA ASP A 474 27.19 -13.65 -26.38
C ASP A 474 26.66 -13.33 -27.71
N TYR A 475 27.46 -12.61 -28.54
CA TYR A 475 27.12 -12.32 -29.89
C TYR A 475 28.09 -13.03 -30.79
N ASN A 476 27.59 -13.87 -31.71
CA ASN A 476 28.45 -14.63 -32.63
C ASN A 476 28.28 -14.06 -34.04
N PRO A 477 29.34 -13.32 -34.52
CA PRO A 477 29.23 -12.61 -35.78
C PRO A 477 29.30 -13.61 -37.01
N GLU A 478 29.85 -14.77 -36.79
CA GLU A 478 29.95 -15.79 -37.88
C GLU A 478 28.57 -16.33 -38.16
N THR A 479 27.79 -16.61 -37.11
CA THR A 479 26.43 -17.18 -37.30
C THR A 479 25.27 -16.17 -37.20
N GLU A 480 25.55 -14.94 -36.79
CA GLU A 480 24.62 -13.88 -36.66
C GLU A 480 23.59 -14.32 -35.59
N GLN A 481 24.12 -14.88 -34.52
CA GLN A 481 23.21 -15.40 -33.39
C GLN A 481 23.60 -14.63 -32.16
N TYR A 482 22.57 -14.32 -31.33
CA TYR A 482 22.74 -13.70 -30.01
C TYR A 482 22.21 -14.67 -28.99
N THR A 483 22.97 -15.02 -28.01
CA THR A 483 22.63 -16.01 -27.02
C THR A 483 22.56 -15.34 -25.64
N LEU A 484 21.43 -15.51 -24.95
CA LEU A 484 21.32 -15.15 -23.55
C LEU A 484 21.36 -16.37 -22.66
N THR A 485 22.24 -16.40 -21.69
CA THR A 485 22.36 -17.46 -20.69
C THR A 485 21.78 -16.90 -19.43
N ILE A 486 20.62 -17.44 -18.97
CA ILE A 486 19.92 -16.81 -17.85
C ILE A 486 19.80 -17.83 -16.72
N SER A 487 20.17 -17.43 -15.53
CA SER A 487 20.08 -18.29 -14.34
CA SER A 487 20.16 -18.25 -14.31
C SER A 487 19.23 -17.63 -13.31
N GLN A 488 18.64 -18.46 -12.43
CA GLN A 488 17.90 -17.91 -11.32
C GLN A 488 18.21 -18.64 -10.04
N ARG A 489 18.07 -17.93 -8.99
CA ARG A 489 18.07 -18.53 -7.60
C ARG A 489 17.37 -17.59 -6.68
N THR A 490 16.73 -18.16 -5.64
CA THR A 490 16.23 -17.40 -4.60
C THR A 490 16.99 -17.84 -3.33
N PRO A 491 17.53 -16.90 -2.68
CA PRO A 491 18.21 -17.26 -1.44
C PRO A 491 17.19 -17.70 -0.40
N ALA A 492 17.59 -18.55 0.54
CA ALA A 492 16.77 -18.87 1.63
C ALA A 492 16.37 -17.63 2.35
N THR A 493 15.21 -17.76 3.02
CA THR A 493 14.68 -16.68 3.89
C THR A 493 14.44 -17.28 5.29
N PRO A 494 14.23 -16.45 6.32
CA PRO A 494 14.17 -17.03 7.61
C PRO A 494 12.96 -17.91 7.81
N ASP A 495 11.93 -17.69 7.01
CA ASP A 495 10.76 -18.50 7.06
C ASP A 495 10.72 -19.79 6.30
N GLN A 496 11.61 -19.95 5.36
CA GLN A 496 11.68 -21.04 4.40
C GLN A 496 13.05 -21.42 4.01
N ALA A 497 13.42 -22.64 4.40
CA ALA A 497 14.76 -23.11 4.10
C ALA A 497 14.87 -23.72 2.71
N GLU A 498 13.76 -24.07 2.07
CA GLU A 498 13.81 -24.65 0.81
C GLU A 498 13.24 -23.70 -0.29
N LYS A 499 13.98 -23.56 -1.36
CA LYS A 499 13.58 -22.75 -2.50
C LYS A 499 13.72 -23.50 -3.76
N GLN A 500 12.91 -23.22 -4.75
CA GLN A 500 12.92 -23.84 -6.03
C GLN A 500 12.72 -22.80 -7.11
N PRO A 501 13.16 -23.12 -8.36
CA PRO A 501 13.01 -22.16 -9.46
C PRO A 501 11.57 -21.83 -9.72
N LEU A 502 11.34 -20.58 -10.13
CA LEU A 502 10.01 -20.11 -10.52
C LEU A 502 9.81 -20.01 -11.99
N HIS A 503 8.55 -19.81 -12.41
CA HIS A 503 8.24 -19.51 -13.77
C HIS A 503 8.25 -18.02 -13.92
N ILE A 504 9.39 -17.49 -14.44
CA ILE A 504 9.70 -16.07 -14.49
C ILE A 504 9.48 -15.55 -15.92
N PRO A 505 8.46 -14.72 -16.16
CA PRO A 505 8.29 -14.07 -17.45
C PRO A 505 9.28 -12.94 -17.56
N PHE A 506 10.21 -13.16 -18.54
CA PHE A 506 11.42 -12.31 -18.68
C PHE A 506 11.40 -11.61 -19.98
N ALA A 507 10.92 -10.39 -20.01
CA ALA A 507 10.68 -9.64 -21.27
C ALA A 507 11.98 -8.98 -21.73
N ILE A 508 12.21 -9.09 -23.05
CA ILE A 508 13.45 -8.45 -23.61
C ILE A 508 13.08 -7.66 -24.84
N GLU A 509 14.04 -6.80 -25.23
CA GLU A 509 14.01 -6.16 -26.52
CA GLU A 509 14.06 -6.16 -26.56
C GLU A 509 15.47 -6.02 -26.95
N LEU A 510 15.75 -6.14 -28.23
CA LEU A 510 17.14 -6.03 -28.67
C LEU A 510 17.24 -4.86 -29.63
N TYR A 511 18.27 -3.98 -29.48
CA TYR A 511 18.44 -2.80 -30.26
C TYR A 511 19.70 -2.80 -31.08
N ASP A 512 19.50 -2.40 -32.30
CA ASP A 512 20.69 -2.26 -33.21
C ASP A 512 21.38 -0.94 -32.94
N ASN A 513 22.42 -0.63 -33.73
CA ASN A 513 23.12 0.60 -33.27
C ASN A 513 22.56 1.93 -33.70
N GLU A 514 21.51 1.92 -34.50
CA GLU A 514 20.69 3.10 -34.67
C GLU A 514 19.55 3.30 -33.74
N GLY A 515 19.39 2.34 -32.79
CA GLY A 515 18.24 2.36 -31.92
C GLY A 515 16.94 1.71 -32.34
N LYS A 516 17.06 0.91 -33.40
CA LYS A 516 15.90 0.19 -33.96
C LYS A 516 15.85 -1.21 -33.37
N VAL A 517 14.63 -1.63 -33.15
CA VAL A 517 14.37 -2.94 -32.56
C VAL A 517 14.72 -4.04 -33.55
N ILE A 518 15.41 -5.08 -33.17
CA ILE A 518 15.80 -6.21 -33.94
C ILE A 518 14.67 -7.25 -33.74
N PRO A 519 14.03 -7.70 -34.82
CA PRO A 519 13.08 -8.83 -34.66
C PRO A 519 13.66 -10.06 -34.06
N LEU A 520 12.94 -10.57 -33.02
CA LEU A 520 13.28 -11.81 -32.39
C LEU A 520 12.80 -13.04 -33.11
N GLN A 521 13.71 -13.90 -33.47
CA GLN A 521 13.40 -15.09 -34.28
C GLN A 521 14.37 -16.15 -34.05
N LYS A 522 13.97 -17.39 -34.35
CA LYS A 522 14.83 -18.46 -34.30
C LYS A 522 14.37 -19.57 -35.27
N GLY A 523 15.28 -20.09 -36.08
CA GLY A 523 14.93 -21.21 -37.04
C GLY A 523 13.88 -20.80 -38.01
N GLY A 524 13.76 -19.58 -38.40
CA GLY A 524 12.77 -19.14 -39.34
C GLY A 524 11.43 -18.76 -38.77
N HIS A 525 11.28 -18.74 -37.44
CA HIS A 525 10.01 -18.37 -36.83
C HIS A 525 10.16 -17.29 -35.79
N PRO A 526 9.20 -16.38 -35.71
CA PRO A 526 9.20 -15.44 -34.53
C PRO A 526 9.25 -16.10 -33.17
N VAL A 527 9.91 -15.41 -32.25
CA VAL A 527 9.99 -15.84 -30.90
C VAL A 527 9.34 -14.74 -30.08
N ASN A 528 8.55 -15.16 -29.09
CA ASN A 528 7.89 -14.22 -28.25
C ASN A 528 8.98 -13.44 -27.39
N SER A 529 8.75 -12.16 -27.19
CA SER A 529 9.72 -11.36 -26.43
C SER A 529 9.61 -11.50 -24.93
N VAL A 530 8.56 -12.23 -24.47
CA VAL A 530 8.50 -12.68 -23.04
C VAL A 530 9.11 -14.06 -22.99
N LEU A 531 10.35 -14.19 -22.50
CA LEU A 531 11.03 -15.44 -22.37
C LEU A 531 10.49 -16.22 -21.14
N ASN A 532 10.30 -17.52 -21.24
CA ASN A 532 9.87 -18.26 -20.05
C ASN A 532 11.11 -18.86 -19.35
N VAL A 533 11.52 -18.14 -18.33
CA VAL A 533 12.65 -18.55 -17.56
C VAL A 533 12.18 -19.46 -16.46
N THR A 534 12.26 -20.76 -16.69
CA THR A 534 11.63 -21.72 -15.74
C THR A 534 12.61 -22.65 -15.03
N GLN A 535 13.88 -22.59 -15.42
CA GLN A 535 14.89 -23.49 -14.86
C GLN A 535 15.92 -22.71 -14.09
N ALA A 536 16.79 -23.38 -13.35
CA ALA A 536 17.87 -22.76 -12.67
C ALA A 536 18.82 -22.13 -13.68
N GLU A 537 19.00 -22.76 -14.81
CA GLU A 537 19.87 -22.22 -15.87
C GLU A 537 19.30 -22.65 -17.19
N GLN A 538 19.36 -21.78 -18.19
CA GLN A 538 18.92 -22.05 -19.50
CA GLN A 538 18.86 -22.03 -19.49
C GLN A 538 19.49 -21.07 -20.49
N THR A 539 19.51 -21.43 -21.76
CA THR A 539 19.96 -20.55 -22.80
C THR A 539 18.87 -20.21 -23.77
N PHE A 540 18.86 -19.03 -24.34
CA PHE A 540 17.97 -18.61 -25.36
C PHE A 540 18.76 -18.10 -26.55
N VAL A 541 18.51 -18.64 -27.72
CA VAL A 541 19.32 -18.33 -28.92
C VAL A 541 18.44 -17.60 -29.89
N PHE A 542 18.93 -16.49 -30.47
CA PHE A 542 18.18 -15.70 -31.37
C PHE A 542 18.98 -15.66 -32.71
N ASP A 543 18.29 -15.86 -33.87
CA ASP A 543 18.96 -15.91 -35.19
C ASP A 543 18.69 -14.64 -35.88
N ASN A 544 19.43 -14.46 -37.06
CA ASN A 544 19.22 -13.29 -37.86
C ASN A 544 19.34 -11.98 -37.06
N VAL A 545 20.39 -12.02 -36.23
CA VAL A 545 20.80 -10.85 -35.49
C VAL A 545 22.08 -10.28 -36.23
N TYR A 546 21.84 -9.25 -37.02
CA TYR A 546 22.83 -8.94 -38.05
C TYR A 546 23.92 -8.02 -37.53
N PHE A 547 23.62 -7.44 -36.36
CA PHE A 547 24.47 -6.47 -35.60
C PHE A 547 24.47 -6.83 -34.19
N GLN A 548 25.59 -6.58 -33.48
CA GLN A 548 25.60 -6.80 -32.09
C GLN A 548 24.57 -5.96 -31.36
N PRO A 549 23.69 -6.61 -30.57
CA PRO A 549 22.62 -5.75 -30.05
C PRO A 549 23.02 -5.16 -28.67
N VAL A 550 22.26 -4.12 -28.33
CA VAL A 550 22.13 -3.62 -26.97
C VAL A 550 20.79 -4.18 -26.43
N PRO A 551 20.84 -4.96 -25.37
CA PRO A 551 19.55 -5.51 -24.84
C PRO A 551 18.93 -4.61 -23.86
N ALA A 552 17.59 -4.58 -23.86
CA ALA A 552 16.80 -4.04 -22.78
C ALA A 552 16.23 -5.29 -22.08
N LEU A 553 16.50 -5.46 -20.79
CA LEU A 553 16.19 -6.68 -20.08
C LEU A 553 15.17 -6.39 -18.98
N LEU A 554 14.35 -7.43 -18.73
CA LEU A 554 13.25 -7.31 -17.70
C LEU A 554 12.39 -6.11 -17.98
N CYS A 555 11.98 -5.97 -19.25
CA CYS A 555 11.22 -4.80 -19.74
C CYS A 555 9.92 -4.66 -18.89
N GLU A 556 9.57 -3.41 -18.57
CA GLU A 556 8.44 -3.03 -17.74
CA GLU A 556 8.33 -3.17 -17.85
C GLU A 556 8.44 -3.82 -16.46
N PHE A 557 9.63 -4.20 -15.97
CA PHE A 557 9.80 -4.93 -14.68
C PHE A 557 8.89 -6.19 -14.78
N SER A 558 9.15 -7.05 -15.75
CA SER A 558 8.19 -8.10 -16.11
C SER A 558 8.03 -9.17 -15.05
N ALA A 559 8.94 -9.25 -14.10
CA ALA A 559 8.83 -10.18 -12.95
C ALA A 559 9.53 -9.53 -11.77
N PRO A 560 9.12 -9.81 -10.55
CA PRO A 560 9.56 -9.05 -9.38
C PRO A 560 10.87 -9.71 -8.90
N VAL A 561 11.96 -9.35 -9.59
CA VAL A 561 13.22 -10.02 -9.38
C VAL A 561 14.35 -8.98 -9.39
N LYS A 562 15.49 -9.38 -8.87
CA LYS A 562 16.74 -8.60 -8.93
C LYS A 562 17.45 -9.04 -10.16
N LEU A 563 17.86 -8.13 -11.01
CA LEU A 563 18.62 -8.48 -12.22
C LEU A 563 20.11 -8.22 -12.05
N GLU A 564 20.89 -9.21 -12.41
CA GLU A 564 22.37 -9.12 -12.43
C GLU A 564 22.81 -9.26 -13.86
N TYR A 565 23.20 -8.15 -14.48
CA TYR A 565 23.78 -8.16 -15.85
C TYR A 565 24.90 -7.14 -15.80
N LYS A 566 26.04 -7.50 -16.41
CA LYS A 566 27.23 -6.61 -16.39
CA LYS A 566 27.26 -6.67 -16.44
C LYS A 566 27.15 -5.54 -17.47
N TRP A 567 26.25 -4.60 -17.26
CA TRP A 567 26.04 -3.44 -18.06
C TRP A 567 27.36 -2.57 -18.22
N SER A 568 27.66 -2.17 -19.46
CA SER A 568 28.56 -1.00 -19.58
C SER A 568 27.85 0.26 -19.40
N ASP A 569 28.56 1.36 -19.04
CA ASP A 569 27.91 2.62 -18.90
C ASP A 569 27.31 3.11 -20.27
N GLN A 570 28.03 2.81 -21.39
CA GLN A 570 27.57 3.20 -22.65
C GLN A 570 26.29 2.39 -23.04
N GLN A 571 26.14 1.14 -22.68
CA GLN A 571 24.88 0.47 -23.04
C GLN A 571 23.71 1.15 -22.32
N LEU A 572 23.96 1.57 -21.09
CA LEU A 572 22.89 2.25 -20.33
C LEU A 572 22.56 3.56 -20.81
N THR A 573 23.52 4.42 -21.19
CA THR A 573 23.19 5.67 -21.76
C THR A 573 22.61 5.55 -23.15
N PHE A 574 22.96 4.53 -23.87
CA PHE A 574 22.30 4.21 -25.14
C PHE A 574 20.80 3.98 -24.93
N LEU A 575 20.49 3.18 -23.92
CA LEU A 575 19.04 2.92 -23.61
C LEU A 575 18.33 4.14 -23.18
N MET A 576 18.98 5.01 -22.41
CA MET A 576 18.36 6.26 -22.01
C MET A 576 17.96 7.12 -23.21
N ARG A 577 18.77 7.01 -24.27
CA ARG A 577 18.49 7.78 -25.49
C ARG A 577 17.52 7.11 -26.40
N HIS A 578 17.52 5.82 -26.47
CA HIS A 578 16.83 5.10 -27.59
C HIS A 578 15.77 4.12 -27.20
N ALA A 579 15.64 3.68 -25.95
CA ALA A 579 14.70 2.61 -25.66
C ALA A 579 13.27 3.13 -25.94
N ARG A 580 12.52 2.18 -26.52
CA ARG A 580 11.18 2.49 -27.00
C ARG A 580 10.22 2.75 -25.85
N ASN A 581 10.28 1.99 -24.74
CA ASN A 581 9.35 2.22 -23.67
C ASN A 581 9.92 3.19 -22.67
N ASP A 582 9.17 4.11 -22.21
CA ASP A 582 9.61 5.08 -21.25
C ASP A 582 10.17 4.39 -20.02
N PHE A 583 9.56 3.32 -19.55
CA PHE A 583 10.08 2.68 -18.35
C PHE A 583 11.52 2.25 -18.51
N SER A 584 11.83 1.71 -19.69
CA SER A 584 13.22 1.21 -19.93
C SER A 584 14.20 2.37 -19.82
N ARG A 585 13.85 3.55 -20.32
CA ARG A 585 14.78 4.66 -20.25
C ARG A 585 15.05 4.99 -18.80
N TRP A 586 14.03 5.06 -17.95
CA TRP A 586 14.17 5.30 -16.52
C TRP A 586 15.03 4.21 -15.90
N ASP A 587 14.70 2.95 -16.18
CA ASP A 587 15.37 1.82 -15.54
C ASP A 587 16.85 1.81 -15.88
N ALA A 588 17.12 2.17 -17.12
CA ALA A 588 18.57 2.23 -17.50
C ALA A 588 19.32 3.32 -16.67
N ALA A 589 18.70 4.46 -16.48
CA ALA A 589 19.22 5.53 -15.64
C ALA A 589 19.41 4.98 -14.22
N GLN A 590 18.50 4.14 -13.68
CA GLN A 590 18.70 3.61 -12.33
C GLN A 590 19.90 2.65 -12.26
N SER A 591 20.08 1.84 -13.27
CA SER A 591 21.22 0.89 -13.36
C SER A 591 22.48 1.79 -13.41
N LEU A 592 22.47 2.85 -14.18
CA LEU A 592 23.74 3.65 -14.31
C LEU A 592 23.98 4.26 -12.97
N LEU A 593 23.00 4.81 -12.27
CA LEU A 593 23.26 5.44 -10.96
C LEU A 593 23.66 4.40 -9.94
N ALA A 594 23.12 3.20 -9.95
CA ALA A 594 23.41 2.21 -8.89
C ALA A 594 24.92 1.97 -8.79
N THR A 595 25.65 1.85 -9.92
CA THR A 595 27.09 1.60 -9.88
C THR A 595 27.76 2.70 -9.09
N TYR A 596 27.34 3.94 -9.28
CA TYR A 596 28.01 5.10 -8.73
C TYR A 596 27.55 5.41 -7.28
N ILE A 597 26.27 4.99 -6.96
CA ILE A 597 25.91 4.99 -5.54
C ILE A 597 26.74 4.00 -4.73
N LYS A 598 26.92 2.81 -5.27
CA LYS A 598 27.74 1.83 -4.55
C LYS A 598 29.22 2.32 -4.41
N LEU A 599 29.73 2.89 -5.51
CA LEU A 599 31.12 3.43 -5.46
C LEU A 599 31.22 4.43 -4.36
N ASN A 600 30.29 5.36 -4.30
CA ASN A 600 30.42 6.52 -3.39
C ASN A 600 30.10 6.16 -1.95
N VAL A 601 29.22 5.15 -1.72
CA VAL A 601 29.05 4.65 -0.30
C VAL A 601 30.40 4.07 0.21
N ALA A 602 31.08 3.31 -0.61
CA ALA A 602 32.40 2.78 -0.22
C ALA A 602 33.37 3.93 0.01
N ARG A 603 33.34 4.96 -0.79
CA ARG A 603 34.19 6.08 -0.59
C ARG A 603 33.89 6.82 0.68
N HIS A 604 32.60 7.02 0.99
CA HIS A 604 32.21 7.69 2.20
C HIS A 604 32.78 6.96 3.44
N GLN A 605 32.76 5.66 3.42
CA GLN A 605 33.26 4.84 4.56
C GLN A 605 34.76 5.05 4.75
N GLN A 606 35.41 5.54 3.70
CA GLN A 606 36.89 5.80 3.76
C GLN A 606 37.20 7.30 3.91
N GLY A 607 36.19 8.13 4.09
CA GLY A 607 36.26 9.53 4.21
C GLY A 607 36.71 10.30 2.94
N GLN A 608 36.36 9.75 1.77
CA GLN A 608 36.68 10.28 0.49
C GLN A 608 35.49 10.96 -0.14
N PRO A 609 35.67 12.04 -0.87
CA PRO A 609 34.58 12.76 -1.48
C PRO A 609 33.95 12.06 -2.67
N LEU A 610 32.78 12.56 -3.06
CA LEU A 610 32.07 11.98 -4.16
C LEU A 610 32.87 12.02 -5.42
N SER A 611 32.83 10.94 -6.21
CA SER A 611 33.42 10.84 -7.51
C SER A 611 32.35 10.39 -8.50
N LEU A 612 32.29 11.07 -9.66
CA LEU A 612 31.22 10.79 -10.68
C LEU A 612 31.82 11.07 -12.01
N PRO A 613 31.88 10.10 -12.90
CA PRO A 613 32.46 10.37 -14.27
C PRO A 613 31.72 11.45 -14.93
N VAL A 614 32.45 12.26 -15.72
CA VAL A 614 31.78 13.30 -16.54
C VAL A 614 30.72 12.76 -17.44
N HIS A 615 30.95 11.59 -17.98
CA HIS A 615 29.96 11.01 -18.96
C HIS A 615 28.64 10.65 -18.30
N VAL A 616 28.66 10.40 -16.97
CA VAL A 616 27.43 10.17 -16.24
C VAL A 616 26.64 11.43 -16.06
N ALA A 617 27.28 12.50 -15.60
CA ALA A 617 26.59 13.77 -15.55
C ALA A 617 26.04 14.17 -16.95
N ASP A 618 26.80 13.90 -17.97
CA ASP A 618 26.37 14.29 -19.33
C ASP A 618 25.09 13.59 -19.71
N ALA A 619 24.92 12.34 -19.26
CA ALA A 619 23.65 11.64 -19.60
C ALA A 619 22.44 12.31 -18.97
N PHE A 620 22.54 12.84 -17.76
CA PHE A 620 21.48 13.57 -17.15
C PHE A 620 21.26 14.96 -17.75
N ARG A 621 22.38 15.59 -18.15
CA ARG A 621 22.24 16.81 -18.96
C ARG A 621 21.44 16.59 -20.23
N ALA A 622 21.71 15.49 -20.88
CA ALA A 622 21.01 15.17 -22.11
C ALA A 622 19.48 15.03 -21.85
N VAL A 623 19.11 14.45 -20.72
CA VAL A 623 17.72 14.27 -20.42
C VAL A 623 17.06 15.63 -20.20
N LEU A 624 17.71 16.52 -19.49
CA LEU A 624 17.22 17.88 -19.33
C LEU A 624 16.96 18.64 -20.60
N LEU A 625 17.85 18.49 -21.54
CA LEU A 625 17.80 19.29 -22.78
C LEU A 625 17.06 18.60 -23.88
N ASP A 626 16.53 17.38 -23.71
CA ASP A 626 15.87 16.70 -24.78
C ASP A 626 14.43 17.13 -24.84
N GLU A 627 14.08 17.79 -25.93
CA GLU A 627 12.75 18.36 -25.98
C GLU A 627 11.74 17.31 -26.33
N LYS A 628 12.16 16.16 -26.81
CA LYS A 628 11.26 15.12 -27.28
C LYS A 628 10.79 14.21 -26.12
N ILE A 629 11.48 14.24 -25.00
CA ILE A 629 11.16 13.34 -23.88
C ILE A 629 9.88 13.87 -23.20
N ASP A 630 8.97 12.92 -22.89
CA ASP A 630 7.83 13.34 -22.05
C ASP A 630 8.27 13.98 -20.75
N PRO A 631 7.80 15.15 -20.31
CA PRO A 631 8.23 15.75 -19.06
C PRO A 631 8.02 14.81 -17.86
N ALA A 632 6.95 14.02 -17.94
CA ALA A 632 6.66 13.08 -16.85
C ALA A 632 7.80 12.12 -16.70
N LEU A 633 8.34 11.64 -17.80
CA LEU A 633 9.49 10.74 -17.73
C LEU A 633 10.78 11.44 -17.35
N ALA A 634 11.03 12.61 -17.91
CA ALA A 634 12.18 13.37 -17.44
C ALA A 634 12.20 13.60 -16.00
N ALA A 635 11.03 13.98 -15.42
CA ALA A 635 11.01 14.26 -14.01
C ALA A 635 11.49 13.03 -13.16
N GLU A 636 10.96 11.87 -13.53
CA GLU A 636 11.37 10.66 -12.83
C GLU A 636 12.83 10.29 -12.97
N ILE A 637 13.38 10.44 -14.15
CA ILE A 637 14.84 10.22 -14.32
C ILE A 637 15.59 11.19 -13.46
N LEU A 638 15.11 12.41 -13.29
CA LEU A 638 15.73 13.43 -12.49
C LEU A 638 15.38 13.39 -11.03
N THR A 639 14.67 12.35 -10.58
CA THR A 639 14.37 12.09 -9.17
C THR A 639 15.28 10.95 -8.75
N LEU A 640 16.23 11.30 -7.84
CA LEU A 640 17.19 10.25 -7.42
C LEU A 640 16.51 9.14 -6.64
N PRO A 641 17.04 7.93 -6.72
CA PRO A 641 16.53 6.86 -5.87
C PRO A 641 16.47 7.29 -4.46
N SER A 642 15.42 6.89 -3.66
CA SER A 642 15.28 7.25 -2.30
C SER A 642 16.31 6.49 -1.38
N VAL A 643 16.49 6.95 -0.16
CA VAL A 643 17.45 6.26 0.77
C VAL A 643 17.01 4.81 0.93
N ASN A 644 15.70 4.51 0.82
CA ASN A 644 15.27 3.10 0.85
C ASN A 644 15.63 2.31 -0.35
N GLU A 645 15.43 2.78 -1.60
CA GLU A 645 15.90 2.20 -2.78
C GLU A 645 17.45 1.98 -2.73
N MET A 646 18.15 3.01 -2.24
CA MET A 646 19.60 2.86 -2.17
C MET A 646 19.99 1.75 -1.24
N ALA A 647 19.33 1.64 -0.11
CA ALA A 647 19.66 0.59 0.86
C ALA A 647 19.61 -0.80 0.25
N GLU A 648 18.70 -1.03 -0.72
N GLU A 648 18.69 -1.09 -0.62
CA GLU A 648 18.44 -2.33 -1.50
CA GLU A 648 18.53 -2.47 -1.04
C GLU A 648 19.62 -2.83 -2.32
C GLU A 648 19.72 -2.86 -1.99
N LEU A 649 20.52 -1.87 -2.52
CA LEU A 649 21.71 -2.16 -3.33
C LEU A 649 22.80 -2.83 -2.47
N PHE A 650 22.70 -2.90 -1.16
CA PHE A 650 23.75 -3.24 -0.23
C PHE A 650 23.38 -4.47 0.58
N ASP A 651 24.37 -5.32 0.88
CA ASP A 651 24.10 -6.40 1.88
C ASP A 651 24.07 -5.88 3.25
N ILE A 652 25.04 -5.12 3.66
CA ILE A 652 24.97 -4.44 4.90
C ILE A 652 24.71 -2.95 4.70
N ILE A 653 23.68 -2.41 5.30
CA ILE A 653 23.25 -1.05 5.09
C ILE A 653 24.07 -0.11 5.98
N ASP A 654 24.71 0.91 5.37
CA ASP A 654 25.25 2.02 6.08
C ASP A 654 24.42 3.27 5.92
N PRO A 655 23.50 3.49 6.85
CA PRO A 655 22.52 4.52 6.65
C PRO A 655 23.02 5.92 6.58
N ILE A 656 24.06 6.23 7.36
CA ILE A 656 24.66 7.54 7.27
C ILE A 656 25.35 7.75 5.97
N ALA A 657 26.12 6.78 5.53
CA ALA A 657 26.78 6.89 4.20
C ALA A 657 25.71 7.09 3.12
N ILE A 658 24.59 6.32 3.16
CA ILE A 658 23.59 6.44 2.11
C ILE A 658 23.04 7.84 2.13
N ALA A 659 22.67 8.34 3.31
CA ALA A 659 22.03 9.68 3.30
C ALA A 659 22.99 10.75 2.75
N GLU A 660 24.24 10.66 3.21
CA GLU A 660 25.19 11.71 2.84
C GLU A 660 25.57 11.61 1.39
N VAL A 661 25.72 10.38 0.87
CA VAL A 661 25.96 10.19 -0.57
C VAL A 661 24.80 10.75 -1.45
N ARG A 662 23.56 10.55 -0.95
CA ARG A 662 22.40 11.04 -1.69
C ARG A 662 22.43 12.56 -1.76
N GLU A 663 22.80 13.20 -0.66
CA GLU A 663 22.91 14.65 -0.65
C GLU A 663 24.06 15.08 -1.55
N ALA A 664 25.18 14.38 -1.43
CA ALA A 664 26.36 14.79 -2.24
C ALA A 664 26.15 14.61 -3.70
N LEU A 665 25.48 13.55 -4.11
CA LEU A 665 25.13 13.35 -5.50
C LEU A 665 24.18 14.47 -5.99
N THR A 666 23.24 14.89 -5.15
CA THR A 666 22.34 16.00 -5.46
C THR A 666 23.17 17.25 -5.66
N ARG A 667 24.10 17.52 -4.76
CA ARG A 667 24.95 18.73 -4.84
C ARG A 667 25.83 18.69 -6.04
N THR A 668 26.41 17.56 -6.41
CA THR A 668 27.29 17.44 -7.60
C THR A 668 26.53 17.77 -8.88
N LEU A 669 25.35 17.14 -9.03
CA LEU A 669 24.54 17.39 -10.18
C LEU A 669 24.04 18.79 -10.19
N ALA A 670 23.68 19.35 -9.05
CA ALA A 670 23.27 20.73 -8.94
C ALA A 670 24.37 21.70 -9.50
N THR A 671 25.61 21.42 -9.12
CA THR A 671 26.75 22.26 -9.62
C THR A 671 27.01 22.02 -11.12
N GLU A 672 27.07 20.78 -11.56
CA GLU A 672 27.40 20.44 -12.92
C GLU A 672 26.30 20.90 -13.93
N LEU A 673 25.01 20.87 -13.51
CA LEU A 673 23.88 21.16 -14.38
C LEU A 673 23.20 22.47 -14.04
N ALA A 674 23.78 23.37 -13.24
CA ALA A 674 23.14 24.56 -12.77
C ALA A 674 22.37 25.35 -13.83
N ASP A 675 23.02 25.62 -14.97
CA ASP A 675 22.41 26.47 -15.94
C ASP A 675 21.25 25.75 -16.59
N GLU A 676 21.37 24.46 -16.89
CA GLU A 676 20.32 23.72 -17.55
C GLU A 676 19.15 23.58 -16.58
N LEU A 677 19.46 23.26 -15.32
CA LEU A 677 18.39 23.10 -14.34
C LEU A 677 17.56 24.38 -14.22
N LEU A 678 18.18 25.54 -14.24
CA LEU A 678 17.42 26.76 -14.05
C LEU A 678 16.63 27.03 -15.34
N ALA A 679 17.20 26.75 -16.47
CA ALA A 679 16.47 26.93 -17.76
C ALA A 679 15.19 26.07 -17.81
N ILE A 680 15.31 24.81 -17.42
CA ILE A 680 14.14 23.92 -17.47
C ILE A 680 13.15 24.26 -16.37
N TYR A 681 13.61 24.66 -15.20
CA TYR A 681 12.77 25.20 -14.17
C TYR A 681 11.83 26.31 -14.68
N ASN A 682 12.48 27.30 -15.32
CA ASN A 682 11.70 28.42 -15.81
C ASN A 682 10.82 28.08 -16.96
N ALA A 683 11.23 27.20 -17.82
CA ALA A 683 10.47 26.78 -18.98
C ALA A 683 9.16 26.06 -18.64
N ASN A 684 9.15 25.47 -17.45
CA ASN A 684 7.98 24.74 -17.00
C ASN A 684 7.10 25.44 -16.05
N TYR A 685 7.32 26.75 -15.83
CA TYR A 685 6.40 27.53 -15.11
C TYR A 685 5.02 27.50 -15.69
N GLN A 686 4.04 27.37 -14.77
CA GLN A 686 2.62 27.44 -15.12
C GLN A 686 1.84 28.37 -14.27
N SER A 687 1.17 29.34 -14.93
CA SER A 687 0.42 30.31 -14.17
C SER A 687 -0.91 29.73 -13.69
N GLU A 688 -1.60 28.94 -14.47
CA GLU A 688 -2.84 28.28 -14.04
C GLU A 688 -2.48 26.95 -13.33
N TYR A 689 -3.17 26.66 -12.23
CA TYR A 689 -3.03 25.35 -11.54
C TYR A 689 -4.13 24.49 -12.01
N ARG A 690 -3.89 23.31 -12.53
CA ARG A 690 -4.86 22.37 -12.89
C ARG A 690 -4.43 20.98 -12.41
N VAL A 691 -5.40 20.17 -11.94
CA VAL A 691 -5.16 18.77 -11.68
C VAL A 691 -5.47 18.03 -12.93
N GLU A 692 -4.53 18.10 -13.87
CA GLU A 692 -4.56 17.43 -15.13
C GLU A 692 -3.16 16.85 -15.43
N HIS A 693 -3.11 15.71 -16.02
CA HIS A 693 -1.89 14.93 -16.08
C HIS A 693 -0.80 15.62 -16.83
N GLU A 694 -1.09 16.37 -17.89
CA GLU A 694 0.06 17.07 -18.57
C GLU A 694 0.61 18.12 -17.70
N ASP A 695 -0.23 18.88 -16.99
CA ASP A 695 0.12 19.92 -16.11
C ASP A 695 0.93 19.38 -14.88
N ILE A 696 0.46 18.27 -14.34
CA ILE A 696 1.18 17.59 -13.25
C ILE A 696 2.59 17.20 -13.72
N ALA A 697 2.67 16.68 -14.92
CA ALA A 697 4.00 16.26 -15.46
C ALA A 697 4.96 17.47 -15.50
N LYS A 698 4.49 18.62 -16.03
CA LYS A 698 5.35 19.75 -16.10
C LYS A 698 5.78 20.27 -14.73
N ARG A 699 4.90 20.25 -13.75
CA ARG A 699 5.12 20.68 -12.44
C ARG A 699 6.10 19.73 -11.76
N THR A 700 5.92 18.42 -11.98
CA THR A 700 6.86 17.44 -11.39
C THR A 700 8.24 17.67 -11.94
N LEU A 701 8.37 17.99 -13.22
CA LEU A 701 9.70 18.28 -13.77
C LEU A 701 10.28 19.58 -13.20
N ARG A 702 9.46 20.63 -13.16
CA ARG A 702 9.89 21.88 -12.53
C ARG A 702 10.40 21.68 -11.12
N ASN A 703 9.63 20.98 -10.31
CA ASN A 703 10.01 20.79 -8.94
C ASN A 703 11.17 19.76 -8.81
N ALA A 704 11.34 18.86 -9.72
CA ALA A 704 12.54 18.01 -9.77
C ALA A 704 13.75 18.87 -9.97
N CYS A 705 13.66 19.85 -10.82
CA CYS A 705 14.81 20.80 -11.04
C CYS A 705 15.01 21.61 -9.77
N LEU A 706 13.95 22.06 -9.08
CA LEU A 706 14.08 22.86 -7.88
C LEU A 706 14.82 22.11 -6.79
N ARG A 707 14.68 20.80 -6.70
CA ARG A 707 15.41 20.03 -5.67
C ARG A 707 16.91 20.20 -5.85
N PHE A 708 17.37 20.20 -7.06
CA PHE A 708 18.85 20.36 -7.34
C PHE A 708 19.18 21.85 -7.15
N LEU A 709 18.34 22.78 -7.61
CA LEU A 709 18.67 24.18 -7.50
C LEU A 709 18.76 24.62 -6.09
N ALA A 710 18.03 24.01 -5.14
CA ALA A 710 18.14 24.29 -3.77
C ALA A 710 19.59 24.04 -3.20
N PHE A 711 20.33 23.17 -3.86
CA PHE A 711 21.81 22.96 -3.56
C PHE A 711 22.75 23.78 -4.38
N GLY A 712 22.32 24.81 -5.02
CA GLY A 712 23.15 25.80 -5.71
C GLY A 712 23.85 26.71 -4.72
N GLU A 713 24.51 27.73 -5.22
CA GLU A 713 25.12 28.76 -4.39
C GLU A 713 24.02 29.30 -3.49
N THR A 714 24.34 29.43 -2.22
CA THR A 714 23.40 29.72 -1.18
C THR A 714 22.50 30.85 -1.43
N HIS A 715 23.01 31.98 -1.83
CA HIS A 715 22.15 33.09 -2.00
C HIS A 715 21.16 32.95 -3.18
N LEU A 716 21.62 32.43 -4.32
CA LEU A 716 20.76 32.11 -5.42
C LEU A 716 19.62 31.13 -4.95
N ALA A 717 20.03 30.08 -4.25
CA ALA A 717 19.06 29.03 -3.89
C ALA A 717 18.06 29.56 -2.92
N ASP A 718 18.51 30.31 -1.91
CA ASP A 718 17.64 30.82 -0.89
C ASP A 718 16.54 31.68 -1.46
N VAL A 719 16.91 32.57 -2.40
CA VAL A 719 15.95 33.48 -3.03
C VAL A 719 14.93 32.69 -3.89
N LEU A 720 15.43 31.73 -4.66
CA LEU A 720 14.60 30.95 -5.61
C LEU A 720 13.57 30.20 -4.77
N VAL A 721 14.04 29.61 -3.70
CA VAL A 721 13.12 28.70 -2.93
C VAL A 721 12.13 29.50 -2.14
N SER A 722 12.56 30.61 -1.50
CA SER A 722 11.66 31.40 -0.74
CA SER A 722 11.64 31.38 -0.73
C SER A 722 10.61 32.06 -1.64
N LYS A 723 11.00 32.49 -2.83
CA LYS A 723 10.08 33.04 -3.81
C LYS A 723 9.00 32.04 -4.21
N GLN A 724 9.43 30.80 -4.46
CA GLN A 724 8.41 29.81 -4.84
C GLN A 724 7.43 29.60 -3.69
N PHE A 725 7.89 29.49 -2.45
CA PHE A 725 7.07 29.28 -1.30
C PHE A 725 6.05 30.42 -1.19
N HIS A 726 6.56 31.66 -1.29
CA HIS A 726 5.61 32.79 -1.13
C HIS A 726 4.70 33.04 -2.35
N GLU A 727 5.10 32.77 -3.56
CA GLU A 727 4.35 33.05 -4.73
C GLU A 727 3.47 31.87 -5.24
N ALA A 728 3.68 30.67 -4.65
CA ALA A 728 2.88 29.55 -5.08
C ALA A 728 1.39 29.81 -4.98
N ASN A 729 0.67 29.27 -5.97
CA ASN A 729 -0.80 29.35 -5.96
C ASN A 729 -1.44 27.99 -5.76
N ASN A 730 -0.67 27.05 -5.19
CA ASN A 730 -1.18 25.71 -4.92
C ASN A 730 -0.21 25.05 -3.92
N MET A 731 -0.66 24.02 -3.22
CA MET A 731 0.18 23.40 -2.22
C MET A 731 1.24 22.55 -2.80
N THR A 732 1.15 22.03 -3.99
CA THR A 732 2.24 21.25 -4.56
C THR A 732 3.52 22.12 -4.59
N ASP A 733 3.35 23.30 -5.19
CA ASP A 733 4.51 24.19 -5.30
C ASP A 733 5.00 24.75 -4.00
N ALA A 734 4.15 25.07 -3.11
CA ALA A 734 4.51 25.58 -1.80
C ALA A 734 5.30 24.50 -1.09
N LEU A 735 4.74 23.26 -1.04
CA LEU A 735 5.44 22.22 -0.29
C LEU A 735 6.75 21.80 -0.95
N ALA A 736 6.87 21.90 -2.24
CA ALA A 736 8.14 21.57 -2.92
C ALA A 736 9.19 22.56 -2.44
N ALA A 737 8.80 23.83 -2.36
CA ALA A 737 9.74 24.80 -1.87
C ALA A 737 10.16 24.59 -0.43
N LEU A 738 9.18 24.39 0.43
CA LEU A 738 9.43 24.14 1.79
C LEU A 738 10.33 22.96 1.97
N SER A 739 10.04 21.84 1.30
CA SER A 739 10.85 20.62 1.43
CA SER A 739 10.84 20.61 1.38
C SER A 739 12.30 20.90 0.98
N ALA A 740 12.46 21.70 -0.04
CA ALA A 740 13.84 22.09 -0.55
C ALA A 740 14.51 22.92 0.53
N ALA A 741 13.82 23.83 1.18
CA ALA A 741 14.49 24.60 2.22
C ALA A 741 14.99 23.77 3.38
N VAL A 742 14.19 22.75 3.75
CA VAL A 742 14.61 21.85 4.75
C VAL A 742 15.71 20.94 4.29
N ALA A 743 15.63 20.38 3.10
CA ALA A 743 16.64 19.40 2.60
C ALA A 743 18.03 20.04 2.45
N ALA A 744 18.06 21.31 2.03
CA ALA A 744 19.35 22.00 1.79
C ALA A 744 19.68 22.88 2.98
N GLN A 745 18.93 22.84 4.08
CA GLN A 745 19.21 23.67 5.29
C GLN A 745 19.46 25.11 4.87
N LEU A 746 18.57 25.69 4.08
CA LEU A 746 18.73 27.04 3.57
C LEU A 746 18.39 28.07 4.65
N PRO A 747 18.98 29.30 4.49
CA PRO A 747 18.70 30.26 5.54
C PRO A 747 17.24 30.55 5.84
N CYS A 748 16.40 30.55 4.80
CA CYS A 748 14.99 30.80 4.91
C CYS A 748 14.20 29.66 5.58
N ARG A 749 14.84 28.55 5.86
CA ARG A 749 14.08 27.40 6.39
C ARG A 749 13.24 27.71 7.59
N ASP A 750 13.79 28.31 8.63
CA ASP A 750 13.07 28.44 9.90
C ASP A 750 11.88 29.37 9.75
N ALA A 751 12.07 30.46 9.00
CA ALA A 751 10.95 31.37 8.78
C ALA A 751 9.82 30.71 8.00
N LEU A 752 10.18 29.97 6.95
CA LEU A 752 9.12 29.32 6.13
C LEU A 752 8.38 28.30 6.96
N MET A 753 9.12 27.54 7.76
CA MET A 753 8.49 26.51 8.59
C MET A 753 7.55 27.12 9.62
N GLN A 754 7.89 28.28 10.26
CA GLN A 754 7.04 28.93 11.15
C GLN A 754 5.85 29.56 10.45
N GLU A 755 6.03 30.06 9.25
CA GLU A 755 4.95 30.59 8.46
C GLU A 755 3.86 29.52 8.22
N TYR A 756 4.37 28.33 7.88
CA TYR A 756 3.44 27.24 7.60
C TYR A 756 2.68 26.85 8.81
N ASP A 757 3.35 26.64 9.96
CA ASP A 757 2.72 26.27 11.23
C ASP A 757 1.67 27.35 11.57
N ASP A 758 2.09 28.63 11.47
CA ASP A 758 1.11 29.69 11.81
C ASP A 758 -0.15 29.67 10.95
N LYS A 759 -0.01 29.34 9.68
CA LYS A 759 -1.11 29.30 8.73
C LYS A 759 -2.00 28.06 8.94
N TRP A 760 -1.33 26.93 9.19
CA TRP A 760 -2.01 25.64 9.00
C TRP A 760 -2.17 24.80 10.23
N HIS A 761 -1.79 25.27 11.39
CA HIS A 761 -1.80 24.43 12.61
C HIS A 761 -3.14 23.79 12.95
N GLN A 762 -4.27 24.40 12.60
CA GLN A 762 -5.57 23.84 12.88
C GLN A 762 -5.95 22.74 11.93
N ASN A 763 -5.17 22.47 10.84
CA ASN A 763 -5.50 21.51 9.85
C ASN A 763 -4.54 20.34 9.97
N GLY A 764 -5.00 19.27 10.63
CA GLY A 764 -4.04 18.12 10.89
C GLY A 764 -3.55 17.52 9.62
N LEU A 765 -4.34 17.32 8.55
CA LEU A 765 -3.82 16.74 7.30
C LEU A 765 -2.71 17.56 6.65
N VAL A 766 -2.86 18.89 6.72
CA VAL A 766 -1.83 19.75 6.19
C VAL A 766 -0.58 19.73 7.11
N MET A 767 -0.83 19.68 8.44
CA MET A 767 0.29 19.64 9.38
C MET A 767 1.09 18.34 9.25
N ASP A 768 0.43 17.25 8.81
CA ASP A 768 1.20 16.01 8.60
C ASP A 768 2.37 16.21 7.66
N LYS A 769 2.24 16.99 6.60
CA LYS A 769 3.31 17.24 5.68
C LYS A 769 4.51 17.91 6.37
N TRP A 770 4.15 18.80 7.26
CA TRP A 770 5.15 19.58 8.05
C TRP A 770 5.83 18.66 9.05
N PHE A 771 5.07 17.83 9.72
CA PHE A 771 5.71 16.83 10.65
C PHE A 771 6.64 15.93 9.87
N ILE A 772 6.31 15.49 8.68
CA ILE A 772 7.18 14.62 7.87
C ILE A 772 8.50 15.39 7.59
N LEU A 773 8.41 16.65 7.15
CA LEU A 773 9.59 17.47 6.92
C LEU A 773 10.43 17.58 8.18
N GLN A 774 9.83 17.83 9.32
CA GLN A 774 10.58 17.88 10.57
C GLN A 774 11.31 16.56 10.81
N ALA A 775 10.55 15.49 10.70
CA ALA A 775 11.13 14.18 11.05
C ALA A 775 12.20 13.72 10.13
N THR A 776 12.18 14.12 8.87
CA THR A 776 13.10 13.67 7.87
C THR A 776 14.24 14.67 7.63
N SER A 777 14.30 15.71 8.49
CA SER A 777 15.30 16.80 8.33
C SER A 777 16.69 16.28 8.44
N PRO A 778 17.60 16.80 7.65
CA PRO A 778 19.03 16.46 7.77
C PRO A 778 19.75 17.19 8.93
N ALA A 779 19.07 18.08 9.61
CA ALA A 779 19.65 18.94 10.68
C ALA A 779 20.20 18.04 11.79
N ALA A 780 21.32 18.51 12.38
CA ALA A 780 21.92 17.76 13.48
C ALA A 780 21.09 17.57 14.67
N ASN A 781 20.23 18.50 14.90
CA ASN A 781 19.38 18.42 16.06
C ASN A 781 17.95 17.88 15.77
N VAL A 782 17.87 17.08 14.71
CA VAL A 782 16.47 16.55 14.34
C VAL A 782 15.81 15.79 15.50
N LEU A 783 16.49 14.93 16.22
CA LEU A 783 15.83 14.18 17.28
C LEU A 783 15.30 15.03 18.40
N GLU A 784 16.08 16.03 18.82
CA GLU A 784 15.60 16.98 19.77
C GLU A 784 14.32 17.71 19.28
N THR A 785 14.33 18.07 18.00
CA THR A 785 13.16 18.77 17.43
C THR A 785 11.94 17.85 17.41
N VAL A 786 12.16 16.63 16.99
CA VAL A 786 11.04 15.65 16.99
C VAL A 786 10.47 15.39 18.35
N ARG A 787 11.36 15.21 19.36
CA ARG A 787 10.88 14.97 20.66
C ARG A 787 10.08 16.17 21.15
N GLY A 788 10.54 17.38 20.85
CA GLY A 788 9.78 18.57 21.31
C GLY A 788 8.41 18.71 20.63
N LEU A 789 8.32 18.17 19.39
CA LEU A 789 7.06 18.16 18.67
C LEU A 789 6.05 17.20 19.22
N LEU A 790 6.41 16.29 20.14
CA LEU A 790 5.39 15.54 20.84
C LEU A 790 4.45 16.44 21.61
N GLN A 791 4.86 17.66 21.93
CA GLN A 791 4.06 18.58 22.63
C GLN A 791 3.45 19.64 21.73
N HIS A 792 3.65 19.53 20.42
CA HIS A 792 3.14 20.52 19.48
C HIS A 792 1.60 20.56 19.47
N ARG A 793 1.05 21.77 19.36
CA ARG A 793 -0.38 21.95 19.30
C ARG A 793 -1.16 21.13 18.26
N SER A 794 -0.49 20.71 17.22
CA SER A 794 -1.09 19.96 16.15
C SER A 794 -0.77 18.48 16.24
N PHE A 795 -0.06 18.02 17.26
CA PHE A 795 0.30 16.62 17.40
C PHE A 795 -0.53 16.00 18.47
N THR A 796 -0.90 14.72 18.30
CA THR A 796 -1.48 13.93 19.42
C THR A 796 -1.27 12.46 19.18
N MET A 797 -0.90 11.72 20.25
CA MET A 797 -0.68 10.30 20.24
C MET A 797 -2.05 9.60 20.05
N SER A 798 -3.17 10.33 20.12
CA SER A 798 -4.46 9.68 19.93
C SER A 798 -4.79 9.57 18.42
N ASN A 799 -3.96 10.11 17.50
CA ASN A 799 -4.35 10.12 16.11
C ASN A 799 -3.30 9.37 15.23
N PRO A 800 -3.67 8.26 14.61
CA PRO A 800 -2.72 7.50 13.84
C PRO A 800 -2.02 8.31 12.77
N ASN A 801 -2.73 9.24 12.07
CA ASN A 801 -2.04 9.98 11.07
C ASN A 801 -0.92 10.86 11.70
N ARG A 802 -1.19 11.48 12.82
CA ARG A 802 -0.11 12.33 13.42
C ARG A 802 1.04 11.40 13.84
N ILE A 803 0.71 10.25 14.44
CA ILE A 803 1.81 9.36 14.87
C ILE A 803 2.65 8.95 13.67
N ARG A 804 2.04 8.58 12.55
CA ARG A 804 2.78 8.19 11.35
C ARG A 804 3.64 9.31 10.80
N SER A 805 3.08 10.51 10.80
CA SER A 805 3.74 11.62 10.19
CA SER A 805 3.76 11.62 10.17
C SER A 805 4.94 12.15 10.96
N LEU A 806 4.91 12.03 12.25
CA LEU A 806 6.09 12.44 13.09
C LEU A 806 7.00 11.27 13.43
N ILE A 807 6.44 10.32 14.17
CA ILE A 807 7.25 9.24 14.74
C ILE A 807 7.59 8.25 13.64
N GLY A 808 6.60 7.81 12.82
CA GLY A 808 6.84 6.87 11.77
C GLY A 808 7.85 7.38 10.75
N ALA A 809 7.69 8.65 10.35
CA ALA A 809 8.60 9.20 9.33
C ALA A 809 10.03 9.30 9.90
N PHE A 810 10.17 9.58 11.17
CA PHE A 810 11.51 9.62 11.80
C PHE A 810 12.13 8.24 11.70
N ALA A 811 11.43 7.22 12.20
CA ALA A 811 12.03 5.89 12.27
C ALA A 811 12.22 5.26 10.95
N GLY A 812 11.28 5.43 10.01
CA GLY A 812 11.29 4.80 8.72
C GLY A 812 11.87 5.51 7.56
N SER A 813 11.80 6.84 7.62
CA SER A 813 12.28 7.66 6.55
C SER A 813 13.39 8.61 6.90
N ASN A 814 14.01 8.53 8.07
CA ASN A 814 15.25 9.22 8.34
C ASN A 814 16.20 8.19 8.91
N PRO A 815 16.44 7.11 8.15
CA PRO A 815 17.30 6.03 8.69
C PRO A 815 18.64 6.60 9.16
N ALA A 816 19.15 7.66 8.63
CA ALA A 816 20.30 8.24 9.16
C ALA A 816 20.30 8.77 10.63
N ALA A 817 19.25 9.47 11.02
CA ALA A 817 19.04 9.89 12.37
C ALA A 817 18.47 8.78 13.21
N PHE A 818 17.59 7.91 12.66
CA PHE A 818 17.15 6.78 13.41
C PHE A 818 18.29 5.87 13.85
N HIS A 819 19.28 5.74 12.96
CA HIS A 819 20.45 4.87 13.24
C HIS A 819 21.65 5.73 13.68
N ALA A 820 21.41 6.84 14.33
CA ALA A 820 22.48 7.59 14.96
C ALA A 820 23.32 6.62 15.81
N GLU A 821 24.62 6.87 15.69
CA GLU A 821 25.57 5.95 16.32
C GLU A 821 25.47 5.86 17.84
N ASP A 822 24.96 6.92 18.43
CA ASP A 822 24.72 7.00 19.90
C ASP A 822 23.54 6.11 20.33
N GLY A 823 22.73 5.59 19.39
CA GLY A 823 21.60 4.72 19.72
C GLY A 823 20.35 5.48 20.14
N SER A 824 20.33 6.81 20.07
CA SER A 824 19.29 7.62 20.60
C SER A 824 18.00 7.36 19.81
N GLY A 825 18.14 7.07 18.53
CA GLY A 825 16.94 6.82 17.69
C GLY A 825 16.19 5.59 18.15
N TYR A 826 16.90 4.51 18.53
CA TYR A 826 16.26 3.33 19.00
C TYR A 826 15.58 3.61 20.34
N LEU A 827 16.24 4.35 21.25
CA LEU A 827 15.68 4.59 22.54
C LEU A 827 14.35 5.39 22.40
N PHE A 828 14.32 6.33 21.48
CA PHE A 828 13.15 7.16 21.25
C PHE A 828 12.00 6.22 20.79
N LEU A 829 12.32 5.34 19.85
CA LEU A 829 11.26 4.48 19.34
C LEU A 829 10.74 3.55 20.40
N VAL A 830 11.64 3.03 21.23
CA VAL A 830 11.17 2.21 22.37
C VAL A 830 10.20 2.96 23.28
N GLU A 831 10.50 4.21 23.61
CA GLU A 831 9.55 4.99 24.37
CA GLU A 831 9.54 5.02 24.38
C GLU A 831 8.19 5.12 23.73
N MET A 832 8.22 5.39 22.41
CA MET A 832 6.89 5.56 21.75
C MET A 832 6.17 4.25 21.65
N LEU A 833 6.84 3.13 21.43
CA LEU A 833 6.21 1.84 21.33
C LEU A 833 5.67 1.34 22.67
N THR A 834 6.35 1.75 23.75
CA THR A 834 5.90 1.40 25.08
C THR A 834 4.48 2.00 25.30
N ASP A 835 4.26 3.23 24.80
CA ASP A 835 2.87 3.79 24.82
C ASP A 835 1.97 3.06 23.87
N LEU A 836 2.40 2.96 22.62
CA LEU A 836 1.50 2.44 21.60
C LEU A 836 1.13 1.03 21.69
N ASN A 837 2.00 0.19 22.28
CA ASN A 837 1.66 -1.17 22.49
C ASN A 837 0.34 -1.36 23.25
N SER A 838 0.14 -0.48 24.24
CA SER A 838 -1.08 -0.47 25.02
C SER A 838 -2.23 0.30 24.30
N ARG A 839 -1.89 1.40 23.70
CA ARG A 839 -2.90 2.28 23.12
C ARG A 839 -3.47 1.76 21.80
N ASN A 840 -2.56 1.36 20.89
CA ASN A 840 -2.96 1.08 19.52
C ASN A 840 -1.92 0.15 18.94
N PRO A 841 -2.10 -1.14 19.17
CA PRO A 841 -1.12 -2.15 18.75
C PRO A 841 -0.97 -2.24 17.30
N GLN A 842 -1.99 -1.95 16.49
CA GLN A 842 -1.83 -1.99 15.07
C GLN A 842 -0.87 -0.94 14.59
N VAL A 843 -0.98 0.28 15.10
CA VAL A 843 -0.03 1.32 14.71
C VAL A 843 1.37 1.00 15.29
N ALA A 844 1.41 0.47 16.52
CA ALA A 844 2.69 0.07 17.08
C ALA A 844 3.42 -0.88 16.17
N SER A 845 2.68 -1.87 15.64
CA SER A 845 3.29 -2.88 14.80
C SER A 845 3.85 -2.34 13.51
N ARG A 846 3.21 -1.36 12.94
CA ARG A 846 3.83 -0.72 11.81
C ARG A 846 5.11 0.02 12.19
N LEU A 847 5.10 0.71 13.29
CA LEU A 847 6.21 1.52 13.72
C LEU A 847 7.40 0.73 14.20
N ILE A 848 7.22 -0.55 14.59
CA ILE A 848 8.42 -1.34 15.04
C ILE A 848 9.24 -1.85 13.85
N GLU A 849 8.70 -1.81 12.63
CA GLU A 849 9.36 -2.39 11.48
C GLU A 849 10.84 -2.00 11.38
N PRO A 850 11.18 -0.73 11.53
CA PRO A 850 12.63 -0.40 11.37
C PRO A 850 13.55 -1.13 12.35
N LEU A 851 13.07 -1.51 13.52
CA LEU A 851 13.94 -2.28 14.42
C LEU A 851 14.09 -3.70 14.07
N ILE A 852 13.12 -4.30 13.37
CA ILE A 852 13.16 -5.68 12.96
C ILE A 852 14.15 -6.02 11.84
N ARG A 853 14.73 -4.95 11.25
CA ARG A 853 15.68 -5.06 10.18
C ARG A 853 17.09 -5.09 10.71
N LEU A 854 17.29 -5.35 11.98
CA LEU A 854 18.62 -5.26 12.59
C LEU A 854 19.73 -6.06 11.92
N LYS A 855 19.46 -7.22 11.35
CA LYS A 855 20.56 -8.05 10.78
C LYS A 855 21.07 -7.48 9.49
N ARG A 856 20.42 -6.43 8.95
CA ARG A 856 21.00 -5.70 7.77
C ARG A 856 22.06 -4.69 8.24
N TYR A 857 22.31 -4.44 9.52
CA TYR A 857 23.18 -3.36 9.99
C TYR A 857 24.46 -3.97 10.61
N ASP A 858 25.36 -3.04 10.83
CA ASP A 858 26.69 -3.46 11.36
C ASP A 858 26.50 -3.94 12.77
N ALA A 859 27.56 -4.62 13.25
CA ALA A 859 27.39 -5.26 14.57
C ALA A 859 27.07 -4.38 15.76
N LYS A 860 27.66 -3.21 15.85
CA LYS A 860 27.39 -2.34 16.91
C LYS A 860 25.96 -1.87 16.90
N ARG A 861 25.46 -1.47 15.72
CA ARG A 861 24.03 -1.11 15.66
C ARG A 861 23.17 -2.24 15.92
N GLN A 862 23.48 -3.42 15.42
CA GLN A 862 22.71 -4.59 15.68
C GLN A 862 22.55 -4.88 17.19
N GLU A 863 23.64 -4.72 17.95
CA GLU A 863 23.57 -4.96 19.37
C GLU A 863 22.63 -3.97 20.10
N LYS A 864 22.61 -2.71 19.69
CA LYS A 864 21.75 -1.69 20.27
C LYS A 864 20.30 -1.99 19.87
N MET A 865 20.13 -2.39 18.65
CA MET A 865 18.71 -2.64 18.17
C MET A 865 18.15 -3.90 18.87
N ARG A 866 19.00 -4.92 19.08
CA ARG A 866 18.63 -6.12 19.82
C ARG A 866 18.29 -5.82 21.26
N ALA A 867 19.01 -4.94 21.91
CA ALA A 867 18.73 -4.50 23.30
C ALA A 867 17.35 -3.81 23.37
N ALA A 868 17.08 -2.97 22.36
CA ALA A 868 15.78 -2.30 22.27
C ALA A 868 14.64 -3.31 22.13
N LEU A 869 14.79 -4.27 21.27
CA LEU A 869 13.80 -5.33 21.03
C LEU A 869 13.62 -6.14 22.33
N GLU A 870 14.75 -6.47 22.99
CA GLU A 870 14.60 -7.20 24.27
C GLU A 870 13.85 -6.40 25.33
N GLN A 871 14.00 -5.08 25.34
CA GLN A 871 13.23 -4.24 26.26
C GLN A 871 11.74 -4.40 25.95
N LEU A 872 11.41 -4.30 24.66
CA LEU A 872 10.04 -4.40 24.27
C LEU A 872 9.48 -5.76 24.53
N LYS A 873 10.28 -6.83 24.30
CA LYS A 873 9.82 -8.21 24.58
C LYS A 873 9.38 -8.38 26.06
N GLY A 874 10.00 -7.61 26.94
CA GLY A 874 9.67 -7.66 28.35
C GLY A 874 8.53 -6.80 28.85
N LEU A 875 7.81 -6.10 27.95
CA LEU A 875 6.71 -5.24 28.39
C LEU A 875 5.63 -6.04 29.04
N GLU A 876 5.05 -5.46 30.09
CA GLU A 876 3.79 -5.96 30.59
C GLU A 876 2.73 -5.82 29.45
N ASN A 877 1.90 -6.80 29.36
CA ASN A 877 0.75 -6.80 28.46
C ASN A 877 1.27 -6.52 27.06
N LEU A 878 2.31 -7.23 26.64
CA LEU A 878 2.79 -7.13 25.25
C LEU A 878 1.74 -7.66 24.33
N SER A 879 1.41 -6.82 23.32
CA SER A 879 0.45 -7.21 22.35
C SER A 879 0.88 -8.36 21.42
N GLY A 880 -0.06 -9.18 20.95
CA GLY A 880 0.30 -10.24 19.98
C GLY A 880 0.91 -9.60 18.78
N ASP A 881 0.43 -8.43 18.36
CA ASP A 881 0.93 -7.73 17.17
C ASP A 881 2.41 -7.55 17.28
N LEU A 882 2.90 -7.01 18.35
CA LEU A 882 4.34 -6.80 18.56
C LEU A 882 5.10 -8.13 18.85
N TYR A 883 4.47 -9.01 19.61
CA TYR A 883 5.13 -10.26 19.96
C TYR A 883 5.55 -11.02 18.76
N GLU A 884 4.69 -11.04 17.74
CA GLU A 884 4.99 -11.80 16.55
C GLU A 884 6.28 -11.29 15.90
N LYS A 885 6.33 -9.99 15.75
CA LYS A 885 7.48 -9.38 15.08
C LYS A 885 8.76 -9.48 15.87
N ILE A 886 8.64 -9.19 17.15
CA ILE A 886 9.87 -9.25 18.10
C ILE A 886 10.43 -10.64 18.14
N THR A 887 9.54 -11.62 18.21
CA THR A 887 10.21 -12.98 18.35
C THR A 887 10.85 -13.37 16.99
N LYS A 888 10.31 -13.02 15.84
CA LYS A 888 11.01 -13.29 14.56
C LYS A 888 12.30 -12.53 14.51
N ALA A 889 12.36 -11.28 14.96
CA ALA A 889 13.53 -10.43 14.91
C ALA A 889 14.74 -10.91 15.78
N LEU A 890 14.35 -11.45 16.94
CA LEU A 890 15.32 -11.85 17.95
C LEU A 890 15.79 -13.21 17.77
N ALA A 891 15.16 -13.95 16.92
CA ALA A 891 15.68 -15.29 16.53
C ALA A 891 17.07 -15.21 15.86
ZN ZN B . -7.61 -3.65 -0.69
N 0A1 C . -9.21 -3.78 2.95
CA 0A1 C . -8.56 -2.48 3.12
CB 0A1 C . -7.45 -2.55 4.14
CG 0A1 C . -7.74 -2.51 5.58
CD1 0A1 C . -7.33 -3.56 6.42
CE1 0A1 C . -7.42 -3.44 7.76
CZ 0A1 C . -8.00 -2.30 8.26
OH 0A1 C . -8.09 -1.96 9.62
CM 0A1 C . -7.24 -2.80 10.43
CE2 0A1 C . -8.48 -1.29 7.47
CD2 0A1 C . -8.38 -1.40 6.12
C 0A1 C . -7.92 -2.23 1.78
O 0A1 C . -7.38 -3.15 1.10
OXT 0A1 C . -7.81 -1.00 1.47
C10 GMC D . -5.59 1.26 -0.27
N6 GMC D . -4.60 0.90 -1.29
C9 GMC D . -4.52 1.61 -2.51
C6 GMC D . -3.39 0.26 -0.94
C5 GMC D . -3.15 -0.17 0.35
C4 GMC D . -1.91 -0.78 0.51
N3 GMC D . -0.98 -1.02 -0.46
C2 GMC D . -1.29 -0.53 -1.69
N1 GMC D . -2.48 0.08 -1.94
N7 GMC D . -3.88 -0.13 1.55
C8 GMC D . -3.06 -0.73 2.41
N9 GMC D . -1.90 -1.20 1.81
C1' GMC D . -0.75 -1.92 2.34
O4' GMC D . -0.87 -2.02 3.79
C4' GMC D . 0.15 -1.26 4.10
C5' GMC D . 0.02 0.05 4.84
O5' GMC D . 1.39 0.56 4.86
C2' GMC D . 0.48 -1.18 1.81
O2' GMC D . 1.31 -1.79 0.79
C3' GMC D . 1.13 -0.82 3.03
N3' GMC D . 2.29 -1.64 3.03
C1 GOL E . -10.81 -25.96 19.81
O1 GOL E . -10.31 -24.71 19.33
C2 GOL E . -11.19 -26.70 18.53
O2 GOL E . -12.01 -27.79 18.96
C3 GOL E . -11.68 -25.80 17.35
O3 GOL E . -12.41 -26.49 16.28
#